data_3REN
#
_entry.id   3REN
#
_cell.length_a   65.350
_cell.length_b   75.060
_cell.length_c   158.540
_cell.angle_alpha   90.00
_cell.angle_beta   90.00
_cell.angle_gamma   90.00
#
_symmetry.space_group_name_H-M   'P 21 21 21'
#
loop_
_entity.id
_entity.type
_entity.pdbx_description
1 polymer 'Glycosyl hydrolase, family 8'
2 non-polymer 'MAGNESIUM ION'
3 non-polymer 'SULFATE ION'
4 non-polymer 1,2-ETHANEDIOL
5 water water
#
_entity_poly.entity_id   1
_entity_poly.type   'polypeptide(L)'
_entity_poly.pdbx_seq_one_letter_code
;(MSE)GSSHHHHHHSSGLVPRGSH(MSE)EEK(MSE)LFDFIEKDLSKSGYGIYTNYIDKSSEGDITKGHSVLSESEGL
(MSE)(MSE)LYSVNANNKELFDEHFDIVKE(MSE)RLKNGLISWRKEGDENSPSSATIDELRIIKALLLANNRWNSFYY
KFYAINIANSLLKHAEENETLVDYIDNYGKGNTTTLCYLDLPT(MSE)KLLSQVDKKWEGIYEKSNSIIENGKISEEVPL
YRKVFYEETQKYDEEENVDFLLSTIVILNRIEAGENEESSIKWIKEKFKKDGFLVATYNGKNGDATSQIESPSIYSNVAL
IANYIGDKELFNKAIDKLKYYQIKNKDSVLYGGFGDEKTNSVYSFDNLNALLAFQKYKD
;
_entity_poly.pdbx_strand_id   A,B
#
# COMPACT_ATOMS: atom_id res chain seq x y z
N LEU A 14 -5.39 -8.95 -10.96
CA LEU A 14 -6.37 -8.30 -10.06
C LEU A 14 -6.26 -8.78 -8.63
N VAL A 15 -5.79 -10.02 -8.41
CA VAL A 15 -5.46 -10.39 -7.02
C VAL A 15 -4.10 -9.73 -6.67
N PRO A 16 -4.06 -8.93 -5.58
CA PRO A 16 -2.81 -8.25 -5.21
C PRO A 16 -1.73 -9.26 -4.89
N ARG A 17 -0.48 -8.96 -5.25
CA ARG A 17 0.66 -9.83 -4.98
C ARG A 17 1.80 -9.03 -4.39
N GLY A 18 2.29 -9.44 -3.22
CA GLY A 18 3.37 -8.71 -2.57
C GLY A 18 3.01 -7.28 -2.19
N SER A 19 1.75 -7.01 -1.87
CA SER A 19 1.31 -5.70 -1.39
CA SER A 19 1.37 -5.66 -1.46
C SER A 19 2.18 -5.25 -0.21
N HIS A 20 2.39 -3.93 -0.07
CA HIS A 20 3.19 -3.34 1.03
C HIS A 20 4.63 -3.80 1.07
N GLU A 22 7.34 -2.68 -0.46
CA GLU A 22 8.31 -1.57 -0.39
C GLU A 22 8.34 -1.00 1.03
N GLU A 23 7.16 -0.81 1.61
CA GLU A 23 7.06 -0.34 2.99
C GLU A 23 7.78 -1.29 3.95
N LYS A 24 7.49 -2.59 3.83
CA LYS A 24 8.15 -3.59 4.70
C LYS A 24 9.67 -3.55 4.59
N LEU A 26 11.56 -1.16 3.56
CA LEU A 26 12.09 0.08 4.04
C LEU A 26 12.04 0.16 5.60
N PHE A 27 10.93 -0.24 6.18
CA PHE A 27 10.84 -0.30 7.65
C PHE A 27 11.90 -1.25 8.22
N ASP A 28 12.08 -2.40 7.57
CA ASP A 28 13.11 -3.38 7.98
C ASP A 28 14.51 -2.76 7.94
N PHE A 29 14.81 -2.02 6.90
CA PHE A 29 16.12 -1.33 6.80
C PHE A 29 16.28 -0.32 7.94
N ILE A 30 15.25 0.50 8.16
CA ILE A 30 15.31 1.54 9.21
C ILE A 30 15.42 0.89 10.58
N GLU A 31 14.65 -0.16 10.83
CA GLU A 31 14.73 -0.83 12.13
C GLU A 31 16.02 -1.61 12.37
N LYS A 32 16.44 -2.43 11.42
CA LYS A 32 17.64 -3.25 11.63
C LYS A 32 18.96 -2.54 11.31
N ASP A 33 18.93 -1.59 10.37
CA ASP A 33 20.18 -0.99 9.88
C ASP A 33 20.43 0.45 10.20
N LEU A 34 19.40 1.15 10.66
CA LEU A 34 19.52 2.55 10.97
C LEU A 34 19.04 2.94 12.38
N SER A 35 18.99 1.98 13.32
CA SER A 35 18.36 2.16 14.60
C SER A 35 19.12 1.36 15.64
N LYS A 36 19.02 1.80 16.90
CA LYS A 36 19.49 0.99 17.98
C LYS A 36 18.39 0.93 19.01
N SER A 37 18.05 -0.29 19.40
CA SER A 37 17.01 -0.53 20.39
C SER A 37 17.22 0.33 21.63
N GLY A 38 16.21 1.10 21.97
CA GLY A 38 16.15 1.85 23.22
C GLY A 38 16.81 3.20 23.11
N TYR A 39 17.47 3.42 21.98
CA TYR A 39 18.30 4.61 21.79
C TYR A 39 17.66 5.52 20.75
N GLY A 40 17.35 4.96 19.57
CA GLY A 40 16.62 5.70 18.54
C GLY A 40 17.11 5.48 17.12
N ILE A 41 16.62 6.34 16.22
CA ILE A 41 16.98 6.22 14.80
C ILE A 41 18.22 7.09 14.50
N TYR A 42 19.25 6.47 13.97
CA TYR A 42 20.49 7.16 13.64
C TYR A 42 20.21 8.13 12.49
N THR A 43 20.94 9.23 12.47
CA THR A 43 20.88 10.23 11.40
C THR A 43 21.48 9.72 10.08
N ASN A 44 22.59 9.00 10.17
CA ASN A 44 23.24 8.35 9.03
C ASN A 44 23.55 6.87 9.31
N TYR A 45 23.79 6.11 8.23
CA TYR A 45 24.07 4.68 8.37
C TYR A 45 25.42 4.45 9.05
N ILE A 46 26.37 5.35 8.77
CA ILE A 46 27.73 5.27 9.26
C ILE A 46 27.96 6.47 10.16
N ASP A 47 28.60 6.25 11.32
CA ASP A 47 28.74 7.36 12.29
CA ASP A 47 28.76 7.34 12.29
C ASP A 47 29.84 8.34 11.84
N LYS A 48 30.90 7.81 11.24
CA LYS A 48 32.00 8.64 10.75
C LYS A 48 32.42 8.24 9.36
N SER A 49 32.29 9.16 8.40
CA SER A 49 32.72 8.86 7.04
CA SER A 49 32.72 8.89 7.02
C SER A 49 34.23 8.72 6.95
N SER A 50 34.68 7.92 6.00
CA SER A 50 36.08 7.71 5.78
C SER A 50 36.69 9.05 5.39
N GLU A 51 37.71 9.47 6.15
CA GLU A 51 38.33 10.78 5.97
C GLU A 51 37.74 11.82 6.92
N GLY A 52 36.73 11.43 7.68
CA GLY A 52 36.15 12.29 8.71
C GLY A 52 35.29 13.50 8.39
N ASP A 53 34.74 13.58 7.18
CA ASP A 53 33.91 14.72 6.80
C ASP A 53 32.64 14.83 7.66
N ILE A 54 31.95 13.71 7.85
CA ILE A 54 30.74 13.58 8.69
C ILE A 54 31.12 12.79 9.91
N THR A 55 30.78 13.33 11.06
CA THR A 55 31.16 12.79 12.32
C THR A 55 30.15 12.39 13.40
N LYS A 56 28.90 12.73 13.25
CA LYS A 56 27.96 12.39 14.25
C LYS A 56 26.83 11.58 13.64
N GLY A 57 27.15 10.63 12.79
CA GLY A 57 26.11 9.90 12.05
C GLY A 57 25.15 9.15 12.98
N HIS A 58 25.66 8.71 14.17
CA HIS A 58 24.83 7.93 15.11
C HIS A 58 24.27 8.73 16.27
N SER A 59 24.17 10.03 16.03
CA SER A 59 23.31 10.87 16.83
C SER A 59 21.87 10.57 16.46
N VAL A 60 20.93 11.01 17.30
CA VAL A 60 19.51 10.79 17.07
C VAL A 60 18.84 12.15 17.03
N LEU A 61 18.17 12.45 15.93
CA LEU A 61 17.43 13.71 15.83
C LEU A 61 15.98 13.57 16.34
N SER A 62 15.44 14.59 17.00
CA SER A 62 14.01 14.51 17.35
C SER A 62 13.17 14.66 16.10
N GLU A 63 13.79 15.20 15.05
CA GLU A 63 13.21 15.14 13.70
C GLU A 63 12.88 13.69 13.32
N SER A 64 13.87 12.81 13.42
CA SER A 64 13.71 11.39 13.07
C SER A 64 12.66 10.74 13.94
N GLU A 65 12.75 10.98 15.25
CA GLU A 65 11.78 10.42 16.18
C GLU A 65 10.34 10.86 15.91
N GLY A 66 10.14 12.16 15.63
CA GLY A 66 8.84 12.72 15.31
C GLY A 66 8.27 12.08 14.06
N LEU A 67 9.10 11.88 13.05
CA LEU A 67 8.66 11.20 11.82
C LEU A 67 8.17 9.78 12.08
N LEU A 70 4.84 9.81 13.76
CA LEU A 70 3.75 10.01 12.80
C LEU A 70 3.39 8.74 12.02
N TYR A 71 4.43 8.05 11.56
CA TYR A 71 4.24 6.76 10.91
C TYR A 71 3.50 5.78 11.81
N SER A 72 3.92 5.66 13.06
CA SER A 72 3.28 4.74 14.04
C SER A 72 1.80 4.99 14.25
N VAL A 73 1.38 6.22 14.41
CA VAL A 73 -0.02 6.54 14.58
C VAL A 73 -0.83 6.26 13.31
N ASN A 74 -0.26 6.58 12.17
CA ASN A 74 -0.88 6.20 10.90
C ASN A 74 -0.98 4.70 10.75
N ALA A 75 0.00 3.97 11.28
CA ALA A 75 -0.02 2.52 11.16
C ALA A 75 -0.88 1.87 12.25
N ASN A 76 -1.47 2.68 13.15
CA ASN A 76 -2.21 2.17 14.29
C ASN A 76 -1.35 1.18 15.07
N ASN A 77 -0.12 1.57 15.35
CA ASN A 77 0.81 0.74 16.08
C ASN A 77 1.25 1.44 17.39
N LYS A 78 0.46 1.19 18.43
CA LYS A 78 0.55 1.93 19.68
C LYS A 78 1.86 1.57 20.36
N GLU A 79 2.19 0.29 20.35
CA GLU A 79 3.50 -0.15 20.88
C GLU A 79 4.75 0.55 20.29
N LEU A 80 4.81 0.65 18.96
CA LEU A 80 5.92 1.29 18.31
C LEU A 80 5.87 2.78 18.62
N PHE A 81 4.67 3.36 18.63
CA PHE A 81 4.52 4.77 18.95
C PHE A 81 5.14 5.07 20.31
N ASP A 82 4.75 4.28 21.31
CA ASP A 82 5.23 4.46 22.69
C ASP A 82 6.71 4.28 22.82
N GLU A 83 7.28 3.41 22.00
CA GLU A 83 8.68 3.16 22.14
C GLU A 83 9.50 4.39 21.70
N HIS A 84 9.03 5.09 20.66
CA HIS A 84 9.71 6.30 20.20
C HIS A 84 9.36 7.53 21.03
N PHE A 85 8.09 7.63 21.46
CA PHE A 85 7.69 8.67 22.43
C PHE A 85 8.57 8.59 23.72
N ASP A 86 8.81 7.40 24.25
CA ASP A 86 9.72 7.27 25.41
C ASP A 86 11.13 7.84 25.20
N ILE A 87 11.69 7.62 24.02
CA ILE A 87 12.96 8.30 23.65
C ILE A 87 12.83 9.82 23.61
N VAL A 88 11.75 10.34 23.02
CA VAL A 88 11.52 11.79 22.96
C VAL A 88 11.40 12.42 24.38
N LYS A 89 10.67 11.76 25.27
CA LYS A 89 10.46 12.32 26.62
C LYS A 89 11.82 12.62 27.25
N GLU A 90 12.80 11.73 27.02
CA GLU A 90 14.14 11.90 27.59
C GLU A 90 14.95 12.98 26.90
N ARG A 92 13.53 15.85 26.35
CA ARG A 92 12.91 17.09 26.81
C ARG A 92 13.93 17.90 27.58
N LEU A 93 13.94 19.22 27.35
CA LEU A 93 14.92 20.08 28.01
C LEU A 93 14.26 20.82 29.18
N LYS A 94 15.04 21.60 29.93
CA LYS A 94 14.48 22.33 31.09
C LYS A 94 13.48 23.36 30.64
N ASN A 95 13.62 23.91 29.43
CA ASN A 95 12.57 24.86 29.00
C ASN A 95 11.23 24.25 28.52
N GLY A 96 11.12 22.91 28.58
CA GLY A 96 9.93 22.17 28.10
C GLY A 96 9.93 21.74 26.62
N LEU A 97 10.95 22.16 25.87
CA LEU A 97 11.04 21.84 24.47
C LEU A 97 11.86 20.57 24.32
N ILE A 98 11.59 19.84 23.25
CA ILE A 98 12.40 18.70 22.88
C ILE A 98 13.68 19.16 22.19
N SER A 99 14.78 18.55 22.59
CA SER A 99 16.09 18.88 22.08
C SER A 99 16.11 18.52 20.60
N TRP A 100 16.87 19.26 19.78
CA TRP A 100 16.98 18.90 18.37
C TRP A 100 17.75 17.61 18.13
N ARG A 101 18.69 17.28 19.03
CA ARG A 101 19.60 16.17 18.77
C ARG A 101 20.22 15.65 20.05
N LYS A 102 20.45 14.34 20.13
CA LYS A 102 21.29 13.77 21.21
C LYS A 102 22.45 12.97 20.61
N GLU A 103 23.53 12.89 21.36
CA GLU A 103 24.64 11.99 21.06
C GLU A 103 24.86 11.17 22.33
N GLY A 104 24.69 9.85 22.25
CA GLY A 104 24.71 8.98 23.44
C GLY A 104 23.69 9.52 24.42
N ASP A 105 24.13 9.86 25.62
CA ASP A 105 23.24 10.39 26.65
C ASP A 105 23.18 11.92 26.70
N GLU A 106 23.86 12.65 25.81
CA GLU A 106 23.82 14.09 25.89
C GLU A 106 22.82 14.72 24.93
N ASN A 107 21.89 15.53 25.45
CA ASN A 107 20.94 16.34 24.64
C ASN A 107 21.54 17.69 24.26
N SER A 108 21.32 18.16 23.04
CA SER A 108 21.71 19.52 22.68
CA SER A 108 21.72 19.52 22.67
C SER A 108 20.79 20.49 23.38
N PRO A 109 21.34 21.64 23.86
CA PRO A 109 20.51 22.63 24.54
C PRO A 109 19.64 23.44 23.58
N SER A 110 19.63 23.09 22.32
CA SER A 110 18.84 23.87 21.40
C SER A 110 17.73 23.03 20.74
N SER A 111 16.74 23.76 20.23
CA SER A 111 15.52 23.20 19.68
C SER A 111 15.14 23.92 18.34
N ALA A 112 14.42 23.23 17.46
CA ALA A 112 13.88 23.83 16.23
C ALA A 112 12.35 23.70 16.29
N THR A 113 11.62 24.80 16.07
CA THR A 113 10.16 24.83 16.13
C THR A 113 9.48 23.72 15.30
N ILE A 114 10.04 23.43 14.12
CA ILE A 114 9.42 22.43 13.27
C ILE A 114 9.42 21.06 13.94
N ASP A 115 10.49 20.70 14.65
CA ASP A 115 10.51 19.42 15.33
C ASP A 115 9.49 19.37 16.48
N GLU A 116 9.34 20.48 17.20
CA GLU A 116 8.40 20.56 18.32
C GLU A 116 6.99 20.38 17.76
N LEU A 117 6.68 21.09 16.67
CA LEU A 117 5.34 21.03 16.12
C LEU A 117 5.04 19.65 15.52
N ARG A 118 6.04 18.97 14.93
CA ARG A 118 5.84 17.64 14.38
C ARG A 118 5.47 16.63 15.48
N ILE A 119 6.12 16.75 16.63
CA ILE A 119 5.86 15.93 17.80
C ILE A 119 4.51 16.22 18.46
N ILE A 120 4.15 17.50 18.55
CA ILE A 120 2.84 17.87 19.03
C ILE A 120 1.78 17.25 18.13
N LYS A 121 1.97 17.31 16.80
CA LYS A 121 1.00 16.76 15.86
C LYS A 121 0.85 15.25 16.07
N ALA A 122 1.96 14.51 16.17
CA ALA A 122 1.90 13.06 16.42
C ALA A 122 1.17 12.74 17.73
N LEU A 123 1.43 13.53 18.76
CA LEU A 123 0.76 13.37 20.07
C LEU A 123 -0.73 13.65 20.02
N LEU A 124 -1.14 14.74 19.37
CA LEU A 124 -2.56 15.05 19.23
C LEU A 124 -3.28 14.02 18.37
N LEU A 125 -2.67 13.62 17.26
CA LEU A 125 -3.21 12.48 16.50
C LEU A 125 -3.35 11.20 17.36
N ALA A 126 -2.35 10.94 18.20
CA ALA A 126 -2.36 9.74 19.02
C ALA A 126 -3.51 9.78 20.03
N ASN A 127 -3.73 10.96 20.62
CA ASN A 127 -4.84 11.14 21.54
C ASN A 127 -6.17 10.88 20.83
N ASN A 128 -6.33 11.40 19.62
CA ASN A 128 -7.59 11.20 18.85
C ASN A 128 -7.84 9.74 18.49
N ARG A 129 -6.77 9.08 18.07
CA ARG A 129 -6.80 7.70 17.66
C ARG A 129 -7.01 6.70 18.80
N TRP A 130 -6.22 6.82 19.87
CA TRP A 130 -6.26 5.85 20.95
C TRP A 130 -7.00 6.35 22.21
N ASN A 131 -7.59 7.53 22.19
CA ASN A 131 -8.32 8.04 23.37
C ASN A 131 -7.45 8.03 24.63
N SER A 132 -6.28 8.66 24.54
CA SER A 132 -5.32 8.67 25.63
C SER A 132 -4.93 10.10 25.97
N PHE A 133 -5.56 10.66 27.01
CA PHE A 133 -5.33 12.04 27.39
C PHE A 133 -3.84 12.35 27.62
N TYR A 134 -3.05 11.35 28.04
CA TYR A 134 -1.65 11.56 28.40
C TYR A 134 -0.85 12.20 27.24
N TYR A 135 -0.99 11.63 26.04
CA TYR A 135 -0.43 12.22 24.82
C TYR A 135 -0.80 13.70 24.64
N LYS A 136 -2.08 14.02 24.85
CA LYS A 136 -2.60 15.36 24.65
C LYS A 136 -2.01 16.33 25.69
N PHE A 137 -1.96 15.93 26.95
CA PHE A 137 -1.42 16.76 28.01
C PHE A 137 0.05 17.03 27.80
N TYR A 138 0.77 16.00 27.35
CA TYR A 138 2.17 16.15 27.09
C TYR A 138 2.37 17.12 25.89
N ALA A 139 1.58 16.97 24.85
CA ALA A 139 1.58 17.92 23.71
C ALA A 139 1.34 19.38 24.10
N ILE A 140 0.41 19.59 25.01
CA ILE A 140 0.11 20.89 25.61
C ILE A 140 1.29 21.51 26.34
N ASN A 141 1.97 20.72 27.16
CA ASN A 141 3.18 21.18 27.82
C ASN A 141 4.15 21.75 26.76
N ILE A 142 4.40 21.00 25.69
CA ILE A 142 5.32 21.42 24.61
CA ILE A 142 5.35 21.43 24.64
C ILE A 142 4.84 22.69 23.93
N ALA A 143 3.56 22.72 23.61
CA ALA A 143 2.95 23.84 22.91
C ALA A 143 3.06 25.10 23.76
N ASN A 144 2.79 24.99 25.07
CA ASN A 144 2.89 26.15 25.98
C ASN A 144 4.32 26.67 26.06
N SER A 145 5.28 25.76 26.05
CA SER A 145 6.70 26.12 25.98
C SER A 145 7.09 26.81 24.67
N LEU A 146 6.48 26.40 23.56
CA LEU A 146 6.69 27.11 22.27
C LEU A 146 6.18 28.53 22.39
N LEU A 147 5.00 28.69 22.97
CA LEU A 147 4.40 30.04 23.13
C LEU A 147 5.22 30.96 24.03
N LYS A 148 5.69 30.38 25.12
CA LYS A 148 6.56 31.07 26.07
C LYS A 148 7.94 31.42 25.52
N HIS A 149 8.52 30.55 24.69
CA HIS A 149 9.92 30.67 24.37
C HIS A 149 10.23 31.00 22.92
N ALA A 150 9.27 30.80 22.03
CA ALA A 150 9.56 30.96 20.61
C ALA A 150 8.67 31.99 19.92
N GLU A 151 7.74 32.59 20.66
CA GLU A 151 6.71 33.42 20.03
C GLU A 151 7.04 34.92 20.13
N GLU A 152 6.84 35.63 19.05
CA GLU A 152 7.03 37.06 19.00
C GLU A 152 5.95 37.61 18.05
N ASN A 153 5.02 38.39 18.56
CA ASN A 153 3.92 39.00 17.78
C ASN A 153 3.20 37.99 16.91
N GLU A 154 2.75 36.92 17.58
CA GLU A 154 2.09 35.80 16.94
C GLU A 154 2.89 35.02 15.90
N THR A 155 4.18 35.32 15.75
CA THR A 155 5.09 34.58 14.86
C THR A 155 6.01 33.65 15.69
N LEU A 156 6.09 32.38 15.32
CA LEU A 156 7.07 31.44 15.87
C LEU A 156 8.39 31.52 15.11
N VAL A 157 9.48 31.76 15.84
CA VAL A 157 10.80 31.74 15.21
C VAL A 157 11.36 30.33 15.25
N ASP A 158 12.34 30.09 14.38
CA ASP A 158 12.85 28.76 14.12
C ASP A 158 13.61 28.18 15.27
N TYR A 159 14.49 28.99 15.87
CA TYR A 159 15.60 28.46 16.68
C TYR A 159 15.44 28.93 18.12
N ILE A 160 15.67 28.03 19.08
CA ILE A 160 15.53 28.37 20.51
C ILE A 160 16.64 27.61 21.24
N ASP A 161 17.40 28.31 22.11
CA ASP A 161 18.29 27.64 23.04
C ASP A 161 18.08 28.15 24.46
N ASN A 162 18.96 27.77 25.38
CA ASN A 162 18.76 28.17 26.79
C ASN A 162 18.94 29.69 27.03
N TYR A 163 19.55 30.38 26.06
CA TYR A 163 19.87 31.81 26.21
C TYR A 163 18.84 32.71 25.54
N GLY A 164 18.23 32.24 24.47
CA GLY A 164 17.23 33.03 23.80
C GLY A 164 16.75 32.38 22.53
N LYS A 165 16.18 33.17 21.63
CA LYS A 165 15.58 32.64 20.42
C LYS A 165 16.09 33.42 19.21
N GLY A 166 15.96 32.85 18.01
CA GLY A 166 16.30 33.60 16.79
C GLY A 166 15.25 34.64 16.40
N ASN A 167 15.33 35.10 15.16
CA ASN A 167 14.36 36.09 14.67
C ASN A 167 14.02 35.82 13.20
N THR A 168 14.19 34.58 12.77
CA THR A 168 13.80 34.18 11.44
C THR A 168 12.79 33.06 11.51
N THR A 169 11.91 33.02 10.51
CA THR A 169 10.86 32.03 10.41
C THR A 169 10.93 31.38 9.02
N THR A 170 11.32 30.12 8.98
CA THR A 170 11.33 29.36 7.74
C THR A 170 9.88 28.98 7.48
N LEU A 171 9.39 29.19 6.27
CA LEU A 171 7.99 28.96 6.02
C LEU A 171 7.55 27.50 6.20
N CYS A 172 8.42 26.54 5.87
CA CYS A 172 8.09 25.12 6.09
C CYS A 172 7.94 24.74 7.60
N TYR A 173 8.46 25.56 8.50
CA TYR A 173 8.25 25.40 9.96
C TYR A 173 6.82 25.75 10.38
N LEU A 174 6.09 26.48 9.55
CA LEU A 174 4.74 26.93 9.93
C LEU A 174 3.72 25.82 9.67
N ASP A 175 3.66 24.89 10.64
CA ASP A 175 2.88 23.67 10.56
C ASP A 175 1.41 23.99 10.84
N LEU A 176 0.73 24.43 9.83
CA LEU A 176 -0.63 24.83 9.93
C LEU A 176 -1.53 23.72 10.50
N PRO A 177 -1.36 22.47 10.10
CA PRO A 177 -2.24 21.42 10.63
C PRO A 177 -2.11 21.28 12.14
N THR A 178 -0.89 21.34 12.66
CA THR A 178 -0.68 21.26 14.10
C THR A 178 -1.34 22.47 14.78
N LYS A 180 -3.86 24.27 13.79
CA LYS A 180 -5.29 24.01 13.73
C LYS A 180 -5.68 23.03 14.83
N LEU A 181 -5.01 21.92 14.96
CA LEU A 181 -5.35 21.02 16.02
C LEU A 181 -5.25 21.72 17.39
N LEU A 182 -4.17 22.45 17.60
CA LEU A 182 -3.98 23.20 18.85
C LEU A 182 -5.10 24.22 19.17
N SER A 183 -5.64 24.83 18.11
CA SER A 183 -6.72 25.82 18.21
CA SER A 183 -6.70 25.83 18.24
C SER A 183 -8.00 25.20 18.74
N GLN A 184 -8.16 23.89 18.48
CA GLN A 184 -9.35 23.16 18.93
C GLN A 184 -9.29 22.86 20.42
N VAL A 185 -8.08 22.83 20.94
CA VAL A 185 -7.84 22.71 22.38
C VAL A 185 -7.91 24.09 23.02
N ASP A 186 -7.22 25.08 22.45
CA ASP A 186 -7.16 26.43 23.02
C ASP A 186 -7.13 27.56 21.99
N LYS A 187 -8.03 28.51 22.15
CA LYS A 187 -8.22 29.60 21.24
C LYS A 187 -7.00 30.49 21.07
N LYS A 188 -6.11 30.57 22.04
CA LYS A 188 -4.89 31.38 21.82
C LYS A 188 -4.13 30.97 20.54
N TRP A 189 -4.32 29.72 20.10
CA TRP A 189 -3.63 29.24 18.90
C TRP A 189 -4.22 29.70 17.58
N GLU A 190 -5.43 30.29 17.62
CA GLU A 190 -6.09 30.86 16.41
C GLU A 190 -5.32 32.02 15.86
N GLY A 191 -4.86 32.90 16.75
CA GLY A 191 -4.04 34.02 16.36
C GLY A 191 -2.73 33.57 15.74
N ILE A 192 -2.14 32.50 16.28
CA ILE A 192 -0.88 31.98 15.74
C ILE A 192 -1.11 31.41 14.35
N TYR A 193 -2.17 30.58 14.21
CA TYR A 193 -2.59 30.05 12.92
C TYR A 193 -2.80 31.16 11.88
N GLU A 194 -3.53 32.20 12.27
CA GLU A 194 -3.86 33.34 11.36
C GLU A 194 -2.59 34.09 10.91
N LYS A 195 -1.67 34.36 11.84
CA LYS A 195 -0.41 35.00 11.48
C LYS A 195 0.48 34.12 10.58
N SER A 196 0.67 32.87 10.97
CA SER A 196 1.37 31.85 10.17
C SER A 196 0.81 31.75 8.74
N ASN A 197 -0.50 31.62 8.63
CA ASN A 197 -1.11 31.49 7.34
C ASN A 197 -0.89 32.77 6.49
N SER A 198 -0.94 33.91 7.16
CA SER A 198 -0.69 35.20 6.49
C SER A 198 0.75 35.28 5.98
N ILE A 199 1.70 34.79 6.76
CA ILE A 199 3.10 34.70 6.33
C ILE A 199 3.22 33.83 5.06
N ILE A 200 2.58 32.66 5.06
CA ILE A 200 2.58 31.77 3.91
CA ILE A 200 2.62 31.79 3.90
C ILE A 200 1.96 32.48 2.71
N GLU A 201 0.76 32.99 2.91
CA GLU A 201 0.00 33.61 1.81
C GLU A 201 0.68 34.81 1.15
N ASN A 202 1.42 35.60 1.94
CA ASN A 202 2.17 36.71 1.42
C ASN A 202 3.55 36.34 0.87
N GLY A 203 3.87 35.05 0.90
CA GLY A 203 5.18 34.62 0.46
C GLY A 203 5.24 33.84 -0.83
N LYS A 204 4.24 33.97 -1.70
CA LYS A 204 4.35 33.37 -3.03
C LYS A 204 5.52 33.95 -3.79
N ILE A 205 6.16 33.13 -4.63
CA ILE A 205 7.34 33.56 -5.34
C ILE A 205 6.90 34.44 -6.50
N SER A 206 6.06 33.91 -7.39
CA SER A 206 5.58 34.67 -8.55
C SER A 206 4.35 34.01 -9.16
N GLU A 207 3.79 34.65 -10.17
CA GLU A 207 2.60 34.13 -10.81
C GLU A 207 2.97 32.94 -11.71
N GLU A 208 4.11 33.06 -12.38
CA GLU A 208 4.67 32.00 -13.22
C GLU A 208 5.07 30.75 -12.36
N VAL A 209 5.59 31.01 -11.17
CA VAL A 209 6.15 29.96 -10.29
C VAL A 209 5.48 30.12 -8.94
N PRO A 210 4.30 29.51 -8.78
CA PRO A 210 3.53 29.87 -7.58
C PRO A 210 3.95 29.03 -6.38
N LEU A 211 5.25 28.96 -6.14
CA LEU A 211 5.81 28.26 -5.00
C LEU A 211 6.04 29.29 -3.88
N TYR A 212 6.87 28.96 -2.89
CA TYR A 212 6.98 29.79 -1.73
C TYR A 212 8.38 30.24 -1.43
N ARG A 213 8.46 31.43 -0.83
CA ARG A 213 9.71 31.91 -0.24
C ARG A 213 10.18 30.95 0.82
N LYS A 214 11.47 30.90 1.00
CA LYS A 214 12.10 30.15 2.06
C LYS A 214 12.00 30.70 3.49
N VAL A 215 12.28 31.98 3.70
CA VAL A 215 12.37 32.57 5.07
C VAL A 215 11.58 33.88 5.18
N PHE A 216 10.94 34.08 6.34
CA PHE A 216 10.33 35.36 6.73
C PHE A 216 11.14 35.97 7.86
N TYR A 217 11.37 37.28 7.79
CA TYR A 217 12.16 38.01 8.79
C TYR A 217 11.22 38.86 9.60
N GLU A 218 11.06 38.49 10.87
CA GLU A 218 10.07 39.15 11.71
C GLU A 218 10.37 40.65 11.89
N GLU A 219 11.63 41.00 12.00
CA GLU A 219 11.99 42.42 12.21
C GLU A 219 11.53 43.40 11.11
N THR A 220 11.68 43.01 9.85
CA THR A 220 11.32 43.87 8.74
C THR A 220 9.98 43.49 8.15
N GLN A 221 9.46 42.31 8.53
CA GLN A 221 8.27 41.73 7.91
C GLN A 221 8.49 41.48 6.42
N LYS A 222 9.71 41.11 6.04
CA LYS A 222 10.02 40.82 4.62
C LYS A 222 10.57 39.38 4.45
N TYR A 223 10.67 38.93 3.22
CA TYR A 223 11.14 37.59 2.91
C TYR A 223 12.55 37.61 2.35
N ASP A 224 13.19 36.43 2.24
CA ASP A 224 14.47 36.30 1.55
C ASP A 224 14.27 36.79 0.11
N GLU A 225 15.38 37.08 -0.58
CA GLU A 225 15.35 37.47 -1.99
C GLU A 225 16.10 36.47 -2.91
N GLU A 226 16.15 35.19 -2.53
CA GLU A 226 16.86 34.20 -3.33
C GLU A 226 16.25 34.12 -4.73
N GLU A 227 17.09 33.92 -5.75
CA GLU A 227 16.54 33.83 -7.12
C GLU A 227 15.92 32.47 -7.36
N ASN A 228 16.50 31.46 -6.72
CA ASN A 228 16.07 30.06 -6.85
C ASN A 228 15.13 29.65 -5.74
N VAL A 229 14.12 28.85 -6.08
CA VAL A 229 13.19 28.29 -5.11
C VAL A 229 13.74 26.96 -4.58
N ASP A 230 13.83 26.80 -3.24
CA ASP A 230 14.13 25.50 -2.60
C ASP A 230 12.90 24.62 -2.68
N PHE A 231 12.90 23.70 -3.64
CA PHE A 231 11.64 22.98 -3.93
C PHE A 231 11.12 22.12 -2.79
N LEU A 232 12.02 21.40 -2.10
CA LEU A 232 11.60 20.54 -1.00
C LEU A 232 10.83 21.34 0.03
N LEU A 233 11.37 22.48 0.40
CA LEU A 233 10.73 23.30 1.38
C LEU A 233 9.37 23.76 0.92
N SER A 234 9.21 24.11 -0.34
CA SER A 234 7.86 24.52 -0.81
C SER A 234 6.86 23.34 -0.78
N THR A 235 7.30 22.12 -1.09
CA THR A 235 6.43 20.97 -0.95
C THR A 235 5.96 20.77 0.50
N ILE A 236 6.84 21.05 1.47
CA ILE A 236 6.42 20.94 2.87
C ILE A 236 5.33 21.99 3.11
N VAL A 237 5.57 23.23 2.71
CA VAL A 237 4.56 24.30 2.93
C VAL A 237 3.23 23.92 2.27
N ILE A 238 3.30 23.44 1.03
CA ILE A 238 2.08 23.05 0.29
C ILE A 238 1.32 21.94 0.98
N LEU A 239 2.03 20.88 1.39
CA LEU A 239 1.40 19.81 2.15
C LEU A 239 0.76 20.35 3.45
N ASN A 240 1.45 21.24 4.16
CA ASN A 240 0.88 21.84 5.41
C ASN A 240 -0.41 22.61 5.12
N ARG A 241 -0.39 23.43 4.08
CA ARG A 241 -1.56 24.20 3.68
C ARG A 241 -2.78 23.34 3.40
N ILE A 242 -2.60 22.30 2.58
CA ILE A 242 -3.77 21.52 2.17
C ILE A 242 -4.33 20.67 3.31
N GLU A 243 -3.46 20.11 4.17
CA GLU A 243 -3.90 19.29 5.31
C GLU A 243 -4.69 20.13 6.29
N ALA A 244 -4.47 21.43 6.29
CA ALA A 244 -5.20 22.36 7.14
C ALA A 244 -6.45 22.91 6.46
N GLY A 245 -6.73 22.45 5.25
CA GLY A 245 -7.91 22.88 4.49
C GLY A 245 -7.72 24.13 3.64
N GLU A 246 -6.49 24.63 3.51
CA GLU A 246 -6.27 25.84 2.68
C GLU A 246 -6.12 25.49 1.21
N ASN A 247 -6.08 26.51 0.35
CA ASN A 247 -6.09 26.33 -1.11
C ASN A 247 -4.70 26.36 -1.72
N GLU A 248 -4.32 25.29 -2.43
CA GLU A 248 -3.06 25.21 -3.19
C GLU A 248 -3.30 24.74 -4.64
N GLU A 249 -4.39 25.16 -5.25
CA GLU A 249 -4.70 24.75 -6.60
C GLU A 249 -3.63 25.13 -7.65
N SER A 250 -3.12 26.34 -7.58
N SER A 250 -3.09 26.33 -7.55
CA SER A 250 -2.15 26.79 -8.59
CA SER A 250 -2.08 26.79 -8.50
C SER A 250 -0.75 26.22 -8.41
C SER A 250 -0.72 26.11 -8.33
N SER A 251 -0.38 25.94 -7.16
N SER A 251 -0.29 25.95 -7.08
CA SER A 251 0.94 25.37 -6.91
CA SER A 251 1.01 25.35 -6.81
C SER A 251 0.98 23.92 -7.32
C SER A 251 1.03 23.89 -7.25
N ILE A 252 -0.08 23.19 -7.00
CA ILE A 252 -0.19 21.79 -7.34
C ILE A 252 -0.26 21.61 -8.86
N LYS A 253 -1.01 22.47 -9.54
CA LYS A 253 -1.02 22.47 -11.01
C LYS A 253 0.43 22.65 -11.54
N TRP A 254 1.16 23.59 -10.96
CA TRP A 254 2.54 23.86 -11.39
C TRP A 254 3.40 22.62 -11.24
N ILE A 255 3.34 22.00 -10.07
CA ILE A 255 4.07 20.75 -9.84
C ILE A 255 3.69 19.65 -10.81
N LYS A 256 2.39 19.44 -11.00
CA LYS A 256 1.90 18.40 -11.90
C LYS A 256 2.40 18.65 -13.36
N GLU A 257 2.32 19.89 -13.83
CA GLU A 257 2.81 20.26 -15.17
C GLU A 257 4.34 20.08 -15.30
N LYS A 258 5.09 20.52 -14.29
CA LYS A 258 6.54 20.39 -14.30
C LYS A 258 6.97 18.94 -14.30
N PHE A 259 6.36 18.12 -13.45
CA PHE A 259 6.67 16.69 -13.31
C PHE A 259 6.34 16.00 -14.64
N LYS A 260 5.23 16.38 -15.21
CA LYS A 260 4.86 15.82 -16.48
C LYS A 260 5.82 16.20 -17.60
N LYS A 261 6.14 17.48 -17.71
CA LYS A 261 7.06 17.94 -18.71
C LYS A 261 8.54 17.50 -18.60
N ASP A 262 9.16 17.64 -17.44
CA ASP A 262 10.54 17.18 -17.24
C ASP A 262 10.64 15.65 -17.05
N GLY A 263 9.61 15.05 -16.47
CA GLY A 263 9.66 13.62 -16.14
C GLY A 263 10.27 13.36 -14.77
N PHE A 264 10.65 14.43 -14.07
CA PHE A 264 11.26 14.29 -12.72
C PHE A 264 11.04 15.62 -12.02
N LEU A 265 11.37 15.67 -10.73
CA LEU A 265 11.44 16.93 -9.97
C LEU A 265 12.81 17.03 -9.30
N VAL A 266 13.35 18.24 -9.30
CA VAL A 266 14.69 18.47 -8.76
C VAL A 266 14.68 19.47 -7.57
N ALA A 267 15.86 19.73 -7.01
CA ALA A 267 15.99 20.48 -5.73
C ALA A 267 15.65 21.95 -5.79
N THR A 268 15.92 22.58 -6.94
CA THR A 268 15.72 24.02 -7.10
C THR A 268 15.20 24.42 -8.52
N TYR A 269 14.42 25.50 -8.56
CA TYR A 269 13.92 26.06 -9.80
C TYR A 269 14.11 27.58 -9.77
N ASN A 270 14.25 28.20 -10.94
CA ASN A 270 14.39 29.65 -10.99
C ASN A 270 13.04 30.29 -10.71
N GLY A 271 13.00 31.29 -9.82
CA GLY A 271 11.74 31.91 -9.35
C GLY A 271 10.98 32.72 -10.42
N LYS A 272 11.67 33.10 -11.47
CA LYS A 272 11.12 33.94 -12.56
C LYS A 272 10.50 33.12 -13.68
N ASN A 273 11.24 32.15 -14.19
CA ASN A 273 10.82 31.45 -15.36
C ASN A 273 10.56 29.96 -15.08
N GLY A 274 10.87 29.48 -13.87
CA GLY A 274 10.55 28.10 -13.48
C GLY A 274 11.44 26.99 -14.03
N ASP A 275 12.55 27.35 -14.71
CA ASP A 275 13.54 26.36 -15.17
C ASP A 275 14.20 25.68 -13.97
N ALA A 276 14.41 24.37 -14.09
CA ALA A 276 15.28 23.63 -13.21
C ALA A 276 16.60 24.37 -13.09
N THR A 277 17.11 24.44 -11.87
CA THR A 277 18.43 25.03 -11.64
C THR A 277 19.30 24.07 -10.87
N SER A 278 18.86 22.81 -10.79
CA SER A 278 19.62 21.76 -10.12
C SER A 278 19.42 20.48 -10.91
N GLN A 279 20.34 19.53 -10.78
CA GLN A 279 20.08 18.19 -11.31
C GLN A 279 19.75 17.18 -10.21
N ILE A 280 19.65 17.67 -8.99
CA ILE A 280 19.55 16.78 -7.83
C ILE A 280 18.10 16.41 -7.57
N GLU A 281 17.83 15.10 -7.55
CA GLU A 281 16.55 14.59 -7.11
C GLU A 281 16.67 14.11 -5.63
N SER A 282 15.56 13.95 -4.94
CA SER A 282 15.57 13.56 -3.53
C SER A 282 14.36 12.70 -3.21
N PRO A 283 14.52 11.57 -2.50
CA PRO A 283 13.34 10.83 -2.02
C PRO A 283 12.37 11.71 -1.19
N SER A 284 12.86 12.74 -0.50
CA SER A 284 11.99 13.61 0.33
C SER A 284 11.06 14.46 -0.52
N ILE A 285 11.57 14.92 -1.66
CA ILE A 285 10.75 15.66 -2.63
CA ILE A 285 10.74 15.67 -2.59
C ILE A 285 9.64 14.75 -3.11
N TYR A 286 10.02 13.58 -3.64
CA TYR A 286 9.00 12.63 -4.17
C TYR A 286 8.00 12.18 -3.12
N SER A 287 8.48 11.94 -1.90
CA SER A 287 7.61 11.64 -0.76
C SER A 287 6.55 12.67 -0.54
N ASN A 288 6.94 13.95 -0.54
CA ASN A 288 5.98 15.00 -0.28
C ASN A 288 4.97 15.14 -1.40
N VAL A 289 5.44 15.00 -2.65
CA VAL A 289 4.56 15.08 -3.81
C VAL A 289 3.52 13.95 -3.74
N ALA A 290 3.97 12.75 -3.38
CA ALA A 290 3.06 11.61 -3.15
C ALA A 290 2.07 11.88 -2.03
N LEU A 291 2.52 12.49 -0.94
CA LEU A 291 1.58 12.80 0.18
C LEU A 291 0.53 13.87 -0.21
N ILE A 292 0.98 14.84 -1.01
CA ILE A 292 0.09 15.84 -1.59
C ILE A 292 -0.96 15.15 -2.47
N ALA A 293 -0.51 14.29 -3.38
CA ALA A 293 -1.39 13.66 -4.36
C ALA A 293 -2.35 12.74 -3.64
N ASN A 294 -1.86 12.05 -2.62
CA ASN A 294 -2.71 11.20 -1.79
C ASN A 294 -3.84 12.00 -1.18
N TYR A 295 -3.46 13.13 -0.58
CA TYR A 295 -4.39 13.97 0.13
C TYR A 295 -5.50 14.48 -0.81
N ILE A 296 -5.11 15.00 -1.97
CA ILE A 296 -6.11 15.56 -2.89
C ILE A 296 -6.84 14.51 -3.73
N GLY A 297 -6.41 13.26 -3.65
CA GLY A 297 -6.97 12.16 -4.44
C GLY A 297 -6.48 12.09 -5.88
N ASP A 298 -5.27 12.58 -6.18
CA ASP A 298 -4.76 12.58 -7.56
C ASP A 298 -3.94 11.32 -7.84
N LYS A 299 -4.60 10.31 -8.41
CA LYS A 299 -3.99 8.99 -8.52
C LYS A 299 -2.79 8.93 -9.45
N GLU A 300 -2.85 9.66 -10.55
CA GLU A 300 -1.82 9.69 -11.56
C GLU A 300 -0.50 10.32 -11.03
N LEU A 301 -0.62 11.45 -10.36
CA LEU A 301 0.48 12.14 -9.69
C LEU A 301 1.10 11.25 -8.59
N PHE A 302 0.22 10.64 -7.81
CA PHE A 302 0.58 9.74 -6.74
C PHE A 302 1.43 8.62 -7.26
N ASN A 303 0.98 7.93 -8.32
CA ASN A 303 1.72 6.80 -8.90
C ASN A 303 3.05 7.23 -9.51
N LYS A 304 3.05 8.40 -10.13
CA LYS A 304 4.26 8.96 -10.74
C LYS A 304 5.34 9.20 -9.67
N ALA A 305 4.91 9.80 -8.55
CA ALA A 305 5.80 10.05 -7.42
C ALA A 305 6.24 8.72 -6.79
N ILE A 306 5.30 7.78 -6.57
CA ILE A 306 5.65 6.47 -6.00
C ILE A 306 6.62 5.66 -6.91
N ASP A 307 6.40 5.72 -8.22
CA ASP A 307 7.28 5.04 -9.15
C ASP A 307 8.71 5.52 -8.99
N LYS A 308 8.91 6.82 -8.77
CA LYS A 308 10.28 7.31 -8.52
C LYS A 308 10.88 6.73 -7.25
N LEU A 309 10.07 6.63 -6.20
CA LEU A 309 10.55 6.06 -4.94
C LEU A 309 10.87 4.58 -5.10
N LYS A 310 10.00 3.84 -5.79
CA LYS A 310 10.33 2.45 -6.07
C LYS A 310 11.64 2.26 -6.83
N TYR A 311 11.87 3.14 -7.80
CA TYR A 311 13.04 3.09 -8.66
C TYR A 311 14.32 3.32 -7.89
N TYR A 312 14.31 4.32 -7.00
CA TYR A 312 15.51 4.67 -6.22
C TYR A 312 15.77 3.79 -5.00
N GLN A 313 14.73 3.09 -4.52
CA GLN A 313 14.92 2.16 -3.37
C GLN A 313 15.93 1.08 -3.72
N ILE A 314 16.87 0.78 -2.83
CA ILE A 314 17.90 -0.24 -3.11
C ILE A 314 17.26 -1.63 -3.12
N LYS A 315 17.25 -2.26 -4.30
CA LYS A 315 16.56 -3.53 -4.49
C LYS A 315 17.51 -4.74 -4.43
N ASN A 316 18.82 -4.48 -4.41
CA ASN A 316 19.85 -5.54 -4.37
C ASN A 316 19.87 -6.27 -3.02
N LYS A 317 19.45 -7.53 -2.96
CA LYS A 317 19.40 -8.25 -1.68
C LYS A 317 20.80 -8.45 -1.05
N ASP A 318 21.86 -8.30 -1.84
CA ASP A 318 23.24 -8.47 -1.31
C ASP A 318 23.85 -7.18 -0.77
N SER A 319 23.14 -6.06 -0.89
CA SER A 319 23.59 -4.81 -0.31
C SER A 319 23.13 -4.72 1.14
N VAL A 320 24.04 -4.28 2.01
CA VAL A 320 23.65 -3.94 3.38
C VAL A 320 22.56 -2.87 3.39
N LEU A 321 22.39 -2.16 2.26
CA LEU A 321 21.39 -1.08 2.19
C LEU A 321 20.10 -1.52 1.59
N TYR A 322 19.97 -2.81 1.32
CA TYR A 322 18.72 -3.35 0.79
C TYR A 322 17.52 -2.78 1.53
N GLY A 323 16.60 -2.20 0.78
CA GLY A 323 15.36 -1.71 1.32
C GLY A 323 15.42 -0.20 1.53
N GLY A 324 16.63 0.34 1.62
CA GLY A 324 16.82 1.75 1.90
C GLY A 324 17.10 2.69 0.73
N PHE A 325 17.33 3.97 1.05
CA PHE A 325 17.74 4.97 0.08
C PHE A 325 19.11 5.52 0.47
N GLY A 326 20.01 5.54 -0.50
CA GLY A 326 21.36 6.07 -0.27
C GLY A 326 22.34 5.59 -1.30
N ASP A 327 23.62 5.80 -1.04
CA ASP A 327 24.62 5.58 -2.06
C ASP A 327 25.29 4.27 -1.73
N GLU A 328 25.00 3.23 -2.52
CA GLU A 328 25.65 1.90 -2.36
C GLU A 328 27.17 1.92 -2.33
N LYS A 329 27.79 2.90 -3.01
CA LYS A 329 29.26 2.93 -3.20
C LYS A 329 29.97 3.33 -1.95
N THR A 330 29.37 4.23 -1.18
CA THR A 330 30.02 4.81 -0.02
C THR A 330 29.25 4.49 1.27
N ASN A 331 28.13 3.78 1.18
CA ASN A 331 27.20 3.61 2.31
C ASN A 331 26.75 4.92 2.95
N SER A 332 26.58 5.94 2.12
CA SER A 332 26.08 7.22 2.59
C SER A 332 24.54 7.22 2.60
N VAL A 333 23.92 7.50 3.75
CA VAL A 333 22.49 7.32 3.92
C VAL A 333 22.01 8.45 4.85
N TYR A 334 20.87 9.06 4.56
CA TYR A 334 20.25 10.05 5.42
C TYR A 334 18.90 9.57 5.94
N SER A 335 18.76 9.51 7.27
CA SER A 335 17.52 9.05 7.88
C SER A 335 16.35 9.85 7.34
N PHE A 336 16.56 11.15 7.19
CA PHE A 336 15.45 12.00 6.77
C PHE A 336 14.76 11.55 5.46
N ASP A 337 15.56 11.18 4.46
CA ASP A 337 14.99 10.70 3.19
C ASP A 337 14.30 9.38 3.32
N ASN A 338 14.88 8.49 4.12
CA ASN A 338 14.31 7.18 4.38
C ASN A 338 12.97 7.25 5.14
N LEU A 339 12.90 8.09 6.16
CA LEU A 339 11.66 8.25 6.92
C LEU A 339 10.52 8.90 6.12
N ASN A 340 10.87 9.88 5.28
CA ASN A 340 9.85 10.54 4.45
C ASN A 340 9.31 9.52 3.43
N ALA A 341 10.22 8.72 2.86
CA ALA A 341 9.82 7.63 1.94
C ALA A 341 8.90 6.63 2.62
N LEU A 342 9.16 6.34 3.90
CA LEU A 342 8.32 5.41 4.64
C LEU A 342 6.90 5.95 4.78
N LEU A 343 6.76 7.23 5.14
CA LEU A 343 5.45 7.88 5.10
C LEU A 343 4.72 7.81 3.74
N ALA A 344 5.44 8.03 2.63
CA ALA A 344 4.81 7.90 1.28
C ALA A 344 4.44 6.44 0.96
N PHE A 345 5.35 5.49 1.22
CA PHE A 345 5.04 4.07 0.90
C PHE A 345 3.86 3.61 1.78
N GLN A 346 3.74 4.15 2.99
CA GLN A 346 2.58 3.80 3.86
C GLN A 346 1.20 4.07 3.21
N LYS A 347 1.12 5.09 2.35
CA LYS A 347 -0.10 5.37 1.56
C LYS A 347 -0.29 4.52 0.32
N TYR A 348 0.75 3.78 -0.08
CA TYR A 348 0.74 2.97 -1.30
C TYR A 348 0.19 1.57 -0.99
N LYS A 349 -1.00 1.31 -1.48
CA LYS A 349 -1.81 0.12 -1.22
C LYS A 349 -1.67 -1.09 -2.15
N ASP A 350 -1.00 -0.94 -3.24
CA ASP A 350 -0.82 -2.01 -4.24
C ASP A 350 0.45 -2.85 -4.07
N VAL B 15 -36.90 -31.51 -25.03
CA VAL B 15 -35.56 -32.00 -25.46
C VAL B 15 -34.50 -30.86 -25.38
N PRO B 16 -33.34 -31.15 -24.73
CA PRO B 16 -32.34 -30.08 -24.57
C PRO B 16 -31.51 -29.84 -25.85
N ARG B 17 -31.30 -28.57 -26.21
CA ARG B 17 -30.76 -28.16 -27.48
C ARG B 17 -29.57 -27.24 -27.47
N GLY B 18 -28.44 -27.75 -27.98
CA GLY B 18 -27.23 -26.94 -28.18
C GLY B 18 -26.48 -26.61 -26.92
N SER B 19 -26.54 -27.49 -25.91
CA SER B 19 -26.04 -27.14 -24.56
C SER B 19 -24.50 -27.00 -24.47
N HIS B 20 -24.06 -26.19 -23.50
CA HIS B 20 -22.62 -25.95 -23.24
C HIS B 20 -21.82 -25.12 -24.33
N GLU B 22 -21.00 -21.60 -24.96
CA GLU B 22 -20.11 -20.58 -24.50
C GLU B 22 -18.84 -21.26 -23.86
N GLU B 23 -19.06 -22.30 -23.12
CA GLU B 23 -17.98 -22.99 -22.46
C GLU B 23 -16.99 -23.60 -23.47
N LYS B 24 -17.52 -24.30 -24.48
CA LYS B 24 -16.68 -24.84 -25.53
C LYS B 24 -15.89 -23.76 -26.27
N LEU B 26 -14.99 -20.78 -25.23
CA LEU B 26 -13.97 -20.27 -24.33
C LEU B 26 -12.80 -21.25 -24.09
N PHE B 27 -13.10 -22.53 -23.82
CA PHE B 27 -12.03 -23.54 -23.67
C PHE B 27 -11.13 -23.60 -24.91
N ASP B 28 -11.73 -23.52 -26.04
CA ASP B 28 -11.06 -23.54 -27.28
C ASP B 28 -10.09 -22.38 -27.40
N PHE B 29 -10.53 -21.21 -27.00
CA PHE B 29 -9.66 -20.04 -27.02
C PHE B 29 -8.50 -20.25 -26.04
N ILE B 30 -8.79 -20.69 -24.83
CA ILE B 30 -7.73 -20.83 -23.83
C ILE B 30 -6.70 -21.88 -24.32
N GLU B 31 -7.19 -23.03 -24.76
CA GLU B 31 -6.31 -24.08 -25.27
C GLU B 31 -5.53 -23.76 -26.57
N LYS B 32 -6.22 -23.37 -27.61
CA LYS B 32 -5.59 -23.04 -28.88
C LYS B 32 -4.78 -21.77 -28.95
N ASP B 33 -5.32 -20.73 -28.37
CA ASP B 33 -4.74 -19.42 -28.42
C ASP B 33 -3.97 -18.93 -27.21
N LEU B 34 -4.36 -19.32 -26.01
CA LEU B 34 -3.69 -18.81 -24.82
C LEU B 34 -2.73 -19.82 -24.14
N SER B 35 -2.54 -21.01 -24.70
CA SER B 35 -1.70 -22.02 -24.06
C SER B 35 -0.64 -22.46 -25.03
N LYS B 36 0.45 -22.99 -24.50
CA LYS B 36 1.47 -23.60 -25.30
C LYS B 36 1.71 -24.99 -24.75
N SER B 37 1.57 -25.99 -25.62
CA SER B 37 1.54 -27.38 -25.21
C SER B 37 2.83 -27.72 -24.46
N GLY B 38 2.66 -28.29 -23.27
CA GLY B 38 3.78 -28.70 -22.44
C GLY B 38 4.42 -27.52 -21.71
N TYR B 39 3.94 -26.31 -21.95
CA TYR B 39 4.51 -25.16 -21.24
C TYR B 39 3.52 -24.58 -20.24
N GLY B 40 2.30 -24.24 -20.70
CA GLY B 40 1.26 -23.79 -19.82
C GLY B 40 0.44 -22.70 -20.44
N ILE B 41 -0.39 -22.08 -19.60
CA ILE B 41 -1.29 -21.02 -20.01
C ILE B 41 -0.60 -19.66 -19.90
N TYR B 42 -0.53 -18.94 -21.02
CA TYR B 42 0.07 -17.59 -21.02
C TYR B 42 -0.76 -16.66 -20.17
N THR B 43 -0.11 -15.73 -19.48
CA THR B 43 -0.84 -14.69 -18.73
C THR B 43 -1.60 -13.70 -19.64
N ASN B 44 -0.98 -13.36 -20.77
CA ASN B 44 -1.59 -12.45 -21.74
CA ASN B 44 -1.56 -12.43 -21.73
C ASN B 44 -1.32 -12.99 -23.13
N TYR B 45 -2.22 -12.66 -24.05
CA TYR B 45 -2.09 -13.05 -25.44
C TYR B 45 -0.88 -12.32 -26.04
N ILE B 46 -0.64 -11.08 -25.64
CA ILE B 46 0.52 -10.33 -26.11
C ILE B 46 1.60 -10.48 -25.07
N ASP B 47 2.82 -10.80 -25.51
CA ASP B 47 3.94 -10.96 -24.61
C ASP B 47 4.45 -9.64 -24.05
N LYS B 48 4.72 -8.69 -24.95
CA LYS B 48 5.22 -7.35 -24.55
C LYS B 48 4.49 -6.24 -25.32
N SER B 49 3.74 -5.42 -24.63
CA SER B 49 2.87 -4.42 -25.26
C SER B 49 3.53 -3.10 -25.66
N ASP B 53 3.49 -0.88 -21.34
CA ASP B 53 2.49 -1.06 -20.28
C ASP B 53 2.22 -2.51 -19.86
N ILE B 54 2.79 -3.45 -20.58
CA ILE B 54 2.62 -4.88 -20.30
C ILE B 54 3.83 -5.70 -20.75
N THR B 55 4.30 -6.56 -19.86
CA THR B 55 5.42 -7.43 -20.13
C THR B 55 5.25 -8.80 -19.56
N LYS B 56 6.08 -9.71 -20.03
CA LYS B 56 6.04 -11.08 -19.50
C LYS B 56 4.67 -11.72 -19.72
N GLY B 57 3.99 -11.27 -20.79
CA GLY B 57 2.72 -11.80 -21.20
C GLY B 57 2.76 -13.30 -21.38
N HIS B 58 3.85 -13.81 -21.95
CA HIS B 58 4.04 -15.24 -22.15
C HIS B 58 4.66 -16.02 -21.00
N SER B 59 4.61 -15.43 -19.83
CA SER B 59 4.89 -16.16 -18.59
C SER B 59 3.67 -16.97 -18.16
N VAL B 60 3.90 -17.97 -17.33
CA VAL B 60 2.84 -18.84 -16.82
C VAL B 60 2.77 -18.64 -15.32
N LEU B 61 1.56 -18.34 -14.80
CA LEU B 61 1.32 -18.25 -13.38
C LEU B 61 0.82 -19.57 -12.80
N SER B 62 1.26 -19.92 -11.60
CA SER B 62 0.71 -21.12 -10.97
C SER B 62 -0.76 -20.85 -10.66
N GLU B 63 -1.12 -19.57 -10.56
CA GLU B 63 -2.55 -19.16 -10.52
C GLU B 63 -3.37 -19.77 -11.67
N SER B 64 -2.89 -19.58 -12.90
CA SER B 64 -3.56 -20.09 -14.10
C SER B 64 -3.59 -21.61 -14.05
N GLU B 65 -2.44 -22.22 -13.78
CA GLU B 65 -2.36 -23.68 -13.75
C GLU B 65 -3.31 -24.19 -12.69
N GLY B 66 -3.38 -23.52 -11.55
CA GLY B 66 -4.27 -23.97 -10.49
C GLY B 66 -5.72 -23.90 -10.90
N LEU B 67 -6.12 -22.79 -11.53
CA LEU B 67 -7.51 -22.64 -11.97
C LEU B 67 -7.85 -23.71 -13.03
N LEU B 70 -8.50 -26.94 -11.29
CA LEU B 70 -9.86 -26.95 -10.72
C LEU B 70 -10.90 -27.26 -11.77
N TYR B 71 -10.81 -26.60 -12.92
CA TYR B 71 -11.71 -26.89 -14.04
C TYR B 71 -11.66 -28.36 -14.48
N SER B 72 -10.48 -28.92 -14.60
CA SER B 72 -10.27 -30.28 -15.04
C SER B 72 -10.91 -31.29 -14.13
N VAL B 73 -10.73 -31.08 -12.84
CA VAL B 73 -11.28 -31.97 -11.88
C VAL B 73 -12.79 -31.89 -11.87
N ASN B 74 -13.32 -30.69 -11.93
CA ASN B 74 -14.77 -30.49 -12.05
C ASN B 74 -15.32 -31.15 -13.31
N ALA B 75 -14.52 -31.10 -14.38
CA ALA B 75 -14.88 -31.67 -15.67
C ALA B 75 -14.63 -33.16 -15.78
N ASN B 76 -14.17 -33.81 -14.70
CA ASN B 76 -13.80 -35.22 -14.80
C ASN B 76 -12.84 -35.51 -15.98
N ASN B 77 -11.85 -34.62 -16.17
CA ASN B 77 -10.88 -34.79 -17.22
C ASN B 77 -9.46 -35.04 -16.65
N LYS B 78 -9.20 -36.31 -16.37
CA LYS B 78 -7.99 -36.66 -15.66
C LYS B 78 -6.78 -36.33 -16.49
N GLU B 79 -6.82 -36.60 -17.79
CA GLU B 79 -5.68 -36.36 -18.63
C GLU B 79 -5.34 -34.89 -18.64
N LEU B 80 -6.34 -34.07 -18.76
CA LEU B 80 -6.07 -32.63 -18.78
C LEU B 80 -5.53 -32.20 -17.39
N PHE B 81 -6.10 -32.73 -16.32
CA PHE B 81 -5.60 -32.43 -14.98
C PHE B 81 -4.11 -32.74 -14.83
N ASP B 82 -3.73 -33.92 -15.29
CA ASP B 82 -2.38 -34.45 -15.10
C ASP B 82 -1.39 -33.69 -15.95
N GLU B 83 -1.85 -33.20 -17.09
CA GLU B 83 -1.03 -32.37 -17.95
C GLU B 83 -0.67 -31.02 -17.26
N HIS B 84 -1.64 -30.45 -16.54
CA HIS B 84 -1.36 -29.20 -15.80
C HIS B 84 -0.64 -29.39 -14.49
N PHE B 85 -1.00 -30.46 -13.79
CA PHE B 85 -0.27 -30.91 -12.63
C PHE B 85 1.23 -31.12 -12.96
N ASP B 86 1.52 -31.70 -14.11
CA ASP B 86 2.93 -31.92 -14.47
C ASP B 86 3.70 -30.61 -14.60
N ILE B 87 3.03 -29.59 -15.12
CA ILE B 87 3.61 -28.27 -15.21
C ILE B 87 3.82 -27.68 -13.83
N VAL B 88 2.83 -27.81 -12.95
CA VAL B 88 2.95 -27.34 -11.57
C VAL B 88 4.14 -27.98 -10.84
N LYS B 89 4.31 -29.29 -11.00
CA LYS B 89 5.45 -29.99 -10.37
C LYS B 89 6.83 -29.39 -10.69
N GLU B 90 7.03 -28.90 -11.91
CA GLU B 90 8.30 -28.31 -12.26
C GLU B 90 8.41 -26.90 -11.72
N ARG B 92 7.72 -26.31 -8.59
CA ARG B 92 7.97 -26.45 -7.15
C ARG B 92 9.35 -25.91 -6.80
N LEU B 93 9.44 -25.17 -5.72
CA LEU B 93 10.68 -24.59 -5.27
C LEU B 93 11.27 -25.43 -4.13
N LYS B 94 12.50 -25.11 -3.72
CA LYS B 94 13.23 -25.84 -2.67
C LYS B 94 12.52 -25.79 -1.33
N ASN B 95 11.74 -24.73 -1.07
CA ASN B 95 10.95 -24.71 0.16
C ASN B 95 9.65 -25.55 0.11
N GLY B 96 9.43 -26.26 -1.00
CA GLY B 96 8.22 -27.12 -1.14
C GLY B 96 6.97 -26.35 -1.62
N LEU B 97 7.07 -25.03 -1.78
CA LEU B 97 5.96 -24.25 -2.34
C LEU B 97 6.08 -24.12 -3.87
N ILE B 98 4.95 -23.84 -4.54
CA ILE B 98 4.92 -23.68 -5.98
C ILE B 98 5.27 -22.22 -6.30
N SER B 99 6.22 -22.03 -7.21
CA SER B 99 6.57 -20.67 -7.63
C SER B 99 5.31 -19.92 -8.11
N TRP B 100 5.24 -18.60 -7.93
CA TRP B 100 4.06 -17.89 -8.47
C TRP B 100 4.13 -17.77 -9.99
N ARG B 101 5.33 -17.82 -10.57
CA ARG B 101 5.45 -17.55 -12.00
C ARG B 101 6.72 -18.14 -12.63
N LYS B 102 6.61 -18.63 -13.86
CA LYS B 102 7.79 -18.97 -14.64
C LYS B 102 7.83 -18.19 -15.92
N GLU B 103 9.05 -17.90 -16.40
CA GLU B 103 9.27 -17.42 -17.76
C GLU B 103 10.22 -18.39 -18.39
N GLY B 104 9.76 -19.11 -19.42
CA GLY B 104 10.56 -20.16 -20.05
C GLY B 104 10.86 -21.17 -18.96
N ASP B 105 12.13 -21.54 -18.84
CA ASP B 105 12.64 -22.52 -17.88
C ASP B 105 12.86 -21.95 -16.47
N GLU B 106 12.66 -20.66 -16.26
CA GLU B 106 13.05 -20.05 -14.99
C GLU B 106 11.85 -19.82 -14.09
N ASN B 107 11.87 -20.45 -12.91
CA ASN B 107 10.86 -20.17 -11.88
C ASN B 107 11.24 -18.96 -11.06
N SER B 108 10.28 -18.12 -10.76
CA SER B 108 10.42 -17.11 -9.74
C SER B 108 10.69 -17.73 -8.35
N PRO B 109 11.56 -17.09 -7.52
CA PRO B 109 11.78 -17.69 -6.21
C PRO B 109 10.70 -17.31 -5.19
N SER B 110 9.66 -16.58 -5.61
CA SER B 110 8.57 -16.14 -4.72
CA SER B 110 8.58 -16.22 -4.67
C SER B 110 7.27 -16.96 -4.91
N SER B 111 6.46 -17.03 -3.86
CA SER B 111 5.19 -17.74 -3.86
C SER B 111 4.15 -16.87 -3.21
N ALA B 112 2.89 -17.16 -3.53
CA ALA B 112 1.76 -16.48 -2.97
C ALA B 112 0.83 -17.52 -2.34
N THR B 113 0.45 -17.32 -1.10
CA THR B 113 -0.32 -18.32 -0.37
C THR B 113 -1.64 -18.72 -1.10
N ILE B 114 -2.33 -17.73 -1.71
CA ILE B 114 -3.57 -18.00 -2.45
C ILE B 114 -3.42 -19.12 -3.52
N ASP B 115 -2.34 -19.06 -4.29
CA ASP B 115 -2.03 -20.04 -5.33
C ASP B 115 -1.76 -21.45 -4.78
N GLU B 116 -1.13 -21.50 -3.59
CA GLU B 116 -0.75 -22.76 -2.97
C GLU B 116 -1.99 -23.47 -2.50
N LEU B 117 -2.88 -22.74 -1.83
CA LEU B 117 -4.14 -23.29 -1.37
C LEU B 117 -5.05 -23.72 -2.52
N ARG B 118 -5.01 -23.01 -3.63
CA ARG B 118 -5.88 -23.38 -4.75
C ARG B 118 -5.43 -24.72 -5.34
N ILE B 119 -4.12 -24.84 -5.51
CA ILE B 119 -3.53 -26.11 -6.01
C ILE B 119 -3.73 -27.25 -5.01
N ILE B 120 -3.63 -26.94 -3.71
CA ILE B 120 -4.00 -27.96 -2.72
C ILE B 120 -5.47 -28.39 -2.87
N LYS B 121 -6.38 -27.43 -3.03
CA LYS B 121 -7.78 -27.78 -3.18
C LYS B 121 -7.93 -28.67 -4.42
N ALA B 122 -7.34 -28.29 -5.57
CA ALA B 122 -7.48 -29.12 -6.80
C ALA B 122 -7.02 -30.58 -6.56
N LEU B 123 -5.86 -30.71 -5.94
CA LEU B 123 -5.29 -32.03 -5.59
C LEU B 123 -6.11 -32.85 -4.64
N LEU B 124 -6.65 -32.22 -3.59
CA LEU B 124 -7.56 -32.97 -2.69
C LEU B 124 -8.86 -33.38 -3.35
N LEU B 125 -9.43 -32.48 -4.18
CA LEU B 125 -10.57 -32.86 -5.03
C LEU B 125 -10.22 -34.00 -5.99
N ALA B 126 -9.02 -33.95 -6.58
CA ALA B 126 -8.58 -35.02 -7.49
C ALA B 126 -8.42 -36.36 -6.76
N ASN B 127 -7.88 -36.32 -5.55
CA ASN B 127 -7.85 -37.52 -4.72
C ASN B 127 -9.27 -38.03 -4.33
N ASN B 128 -10.20 -37.17 -3.96
CA ASN B 128 -11.57 -37.63 -3.69
C ASN B 128 -12.23 -38.30 -4.92
N ARG B 129 -12.15 -37.66 -6.09
CA ARG B 129 -12.69 -38.23 -7.33
C ARG B 129 -11.95 -39.47 -7.89
N TRP B 130 -10.63 -39.40 -7.98
CA TRP B 130 -9.89 -40.49 -8.69
C TRP B 130 -9.21 -41.49 -7.77
N ASN B 131 -9.32 -41.29 -6.47
CA ASN B 131 -8.77 -42.15 -5.46
C ASN B 131 -7.31 -42.50 -5.68
N SER B 132 -6.44 -41.54 -5.66
CA SER B 132 -5.05 -41.76 -6.02
C SER B 132 -4.15 -41.16 -4.92
N PHE B 133 -3.34 -42.01 -4.27
CA PHE B 133 -2.48 -41.60 -3.16
C PHE B 133 -1.61 -40.39 -3.49
N TYR B 134 -1.02 -40.36 -4.67
CA TYR B 134 -0.03 -39.34 -4.97
C TYR B 134 -0.55 -37.90 -4.93
N TYR B 135 -1.79 -37.71 -5.40
CA TYR B 135 -2.45 -36.40 -5.35
C TYR B 135 -2.53 -35.91 -3.91
N LYS B 136 -2.94 -36.77 -3.00
CA LYS B 136 -3.11 -36.34 -1.60
C LYS B 136 -1.74 -36.09 -0.95
N PHE B 137 -0.79 -36.98 -1.19
CA PHE B 137 0.55 -36.84 -0.72
C PHE B 137 1.11 -35.46 -1.15
N TYR B 138 1.00 -35.16 -2.43
CA TYR B 138 1.52 -33.91 -2.97
C TYR B 138 0.81 -32.67 -2.32
N ALA B 139 -0.51 -32.72 -2.18
CA ALA B 139 -1.25 -31.63 -1.52
C ALA B 139 -0.82 -31.42 -0.06
N ILE B 140 -0.62 -32.53 0.67
CA ILE B 140 -0.29 -32.44 2.11
C ILE B 140 1.11 -31.83 2.25
N ASN B 141 2.01 -32.20 1.35
CA ASN B 141 3.35 -31.64 1.38
C ASN B 141 3.44 -30.12 1.12
N ILE B 142 2.65 -29.60 0.16
CA ILE B 142 2.55 -28.13 -0.03
C ILE B 142 2.00 -27.47 1.22
N ALA B 143 0.90 -28.03 1.76
CA ALA B 143 0.26 -27.55 2.99
C ALA B 143 1.24 -27.46 4.20
N ASN B 144 1.98 -28.53 4.43
CA ASN B 144 3.03 -28.55 5.42
C ASN B 144 4.12 -27.50 5.20
N SER B 145 4.52 -27.27 3.95
CA SER B 145 5.45 -26.17 3.64
C SER B 145 4.89 -24.79 3.96
N LEU B 146 3.58 -24.62 3.77
CA LEU B 146 2.88 -23.41 4.13
C LEU B 146 2.95 -23.20 5.64
N LEU B 147 2.71 -24.27 6.38
CA LEU B 147 2.73 -24.14 7.83
C LEU B 147 4.13 -23.79 8.30
N LYS B 148 5.15 -24.27 7.58
CA LYS B 148 6.53 -24.06 7.94
C LYS B 148 7.08 -22.68 7.53
N HIS B 149 6.66 -22.22 6.34
CA HIS B 149 7.21 -21.00 5.75
C HIS B 149 6.30 -19.75 5.71
N ALA B 150 4.98 -19.93 5.79
CA ALA B 150 4.04 -18.81 5.64
C ALA B 150 3.22 -18.53 6.90
N GLU B 151 3.30 -19.39 7.91
CA GLU B 151 2.47 -19.22 9.11
C GLU B 151 3.15 -18.37 10.21
N GLU B 152 2.43 -17.45 10.78
CA GLU B 152 2.83 -16.68 11.94
C GLU B 152 1.64 -16.59 12.89
N ASN B 153 1.74 -17.16 14.07
CA ASN B 153 0.66 -17.09 15.02
C ASN B 153 -0.65 -17.48 14.43
N GLU B 154 -0.63 -18.54 13.67
CA GLU B 154 -1.82 -19.11 13.03
C GLU B 154 -2.40 -18.24 11.89
N THR B 155 -1.65 -17.18 11.52
CA THR B 155 -1.97 -16.33 10.37
C THR B 155 -1.07 -16.75 9.21
N LEU B 156 -1.68 -17.02 8.05
CA LEU B 156 -0.89 -17.26 6.87
C LEU B 156 -0.69 -15.93 6.18
N VAL B 157 0.56 -15.58 5.93
CA VAL B 157 0.87 -14.35 5.23
C VAL B 157 0.93 -14.59 3.73
N ASP B 158 0.60 -13.56 2.94
CA ASP B 158 0.57 -13.67 1.50
C ASP B 158 1.88 -14.15 0.88
N TYR B 159 2.99 -13.57 1.31
CA TYR B 159 4.20 -13.59 0.52
C TYR B 159 5.31 -14.42 1.20
N ILE B 160 5.91 -15.30 0.41
CA ILE B 160 7.06 -16.09 0.84
C ILE B 160 8.09 -16.06 -0.28
N ASP B 161 9.35 -15.83 0.07
CA ASP B 161 10.45 -16.10 -0.87
C ASP B 161 11.64 -16.80 -0.22
N ASN B 162 12.76 -16.89 -0.95
CA ASN B 162 13.90 -17.62 -0.43
C ASN B 162 14.60 -16.87 0.72
N TYR B 163 14.23 -15.61 0.95
CA TYR B 163 14.80 -14.81 2.05
C TYR B 163 13.90 -14.76 3.28
N GLY B 164 12.60 -15.04 3.13
CA GLY B 164 11.69 -14.99 4.26
C GLY B 164 10.23 -14.82 3.85
N LYS B 165 9.42 -14.24 4.76
CA LYS B 165 7.98 -14.07 4.51
C LYS B 165 7.52 -12.63 4.82
N GLY B 166 6.34 -12.26 4.27
CA GLY B 166 5.74 -10.98 4.57
C GLY B 166 5.07 -10.95 5.94
N ASN B 167 4.41 -9.84 6.25
CA ASN B 167 3.68 -9.69 7.50
C ASN B 167 2.25 -9.17 7.24
N THR B 168 1.76 -9.32 6.01
CA THR B 168 0.42 -8.87 5.65
C THR B 168 -0.40 -10.05 5.10
N THR B 169 -1.69 -10.02 5.36
CA THR B 169 -2.62 -11.06 4.91
C THR B 169 -3.81 -10.47 4.16
N THR B 170 -3.85 -10.70 2.85
CA THR B 170 -4.98 -10.25 2.05
C THR B 170 -6.15 -11.18 2.35
N LEU B 171 -7.32 -10.65 2.69
CA LEU B 171 -8.44 -11.54 3.10
C LEU B 171 -8.94 -12.58 2.04
N CYS B 172 -8.85 -12.25 0.75
CA CYS B 172 -9.19 -13.22 -0.30
C CYS B 172 -8.23 -14.43 -0.41
N TYR B 173 -7.01 -14.30 0.15
CA TYR B 173 -6.02 -15.42 0.24
C TYR B 173 -6.48 -16.51 1.22
N LEU B 174 -7.43 -16.16 2.08
CA LEU B 174 -7.88 -17.03 3.16
C LEU B 174 -8.92 -18.05 2.70
N ASP B 175 -8.41 -19.05 2.01
CA ASP B 175 -9.19 -20.11 1.37
C ASP B 175 -9.79 -21.09 2.38
N LEU B 176 -10.91 -20.71 3.00
CA LEU B 176 -11.56 -21.53 4.04
C LEU B 176 -11.94 -22.95 3.55
N PRO B 177 -12.48 -23.05 2.33
CA PRO B 177 -12.81 -24.41 1.85
C PRO B 177 -11.60 -25.37 1.82
N THR B 178 -10.43 -24.90 1.38
CA THR B 178 -9.23 -25.72 1.42
C THR B 178 -8.77 -26.05 2.84
N LYS B 180 -10.63 -26.24 5.43
CA LYS B 180 -11.63 -27.18 5.93
C LYS B 180 -11.33 -28.61 5.45
N LEU B 181 -11.05 -28.78 4.14
CA LEU B 181 -10.55 -30.05 3.60
C LEU B 181 -9.31 -30.55 4.34
N LEU B 182 -8.26 -29.72 4.42
CA LEU B 182 -7.08 -30.05 5.21
C LEU B 182 -7.44 -30.44 6.65
N SER B 183 -8.42 -29.76 7.24
CA SER B 183 -8.86 -30.03 8.62
C SER B 183 -9.25 -31.49 8.78
N GLN B 184 -9.87 -32.04 7.75
CA GLN B 184 -10.42 -33.38 7.77
C GLN B 184 -9.30 -34.41 7.52
N VAL B 185 -8.11 -33.95 7.18
CA VAL B 185 -6.92 -34.82 7.08
C VAL B 185 -6.06 -34.64 8.32
N ASP B 186 -5.97 -33.41 8.83
CA ASP B 186 -5.00 -33.05 9.87
C ASP B 186 -5.57 -31.97 10.79
N LYS B 187 -5.72 -32.31 12.06
CA LYS B 187 -6.39 -31.45 13.03
C LYS B 187 -5.65 -30.13 13.29
N LYS B 188 -4.39 -30.04 12.89
CA LYS B 188 -3.65 -28.83 13.07
C LYS B 188 -4.20 -27.66 12.26
N TRP B 189 -4.93 -27.97 11.20
CA TRP B 189 -5.53 -26.98 10.30
C TRP B 189 -6.77 -26.33 10.92
N GLU B 190 -7.28 -26.91 12.04
CA GLU B 190 -8.42 -26.32 12.73
C GLU B 190 -8.09 -24.95 13.27
N GLY B 191 -6.91 -24.83 13.87
CA GLY B 191 -6.48 -23.56 14.44
C GLY B 191 -6.28 -22.53 13.34
N ILE B 192 -5.80 -23.00 12.17
CA ILE B 192 -5.59 -22.12 11.02
C ILE B 192 -6.95 -21.68 10.46
N TYR B 193 -7.90 -22.62 10.36
CA TYR B 193 -9.25 -22.27 9.90
C TYR B 193 -9.90 -21.21 10.80
N GLU B 194 -9.82 -21.44 12.10
CA GLU B 194 -10.39 -20.58 13.08
C GLU B 194 -9.80 -19.18 13.06
N LYS B 195 -8.50 -19.07 13.03
CA LYS B 195 -7.86 -17.76 12.97
C LYS B 195 -8.26 -17.02 11.66
N SER B 196 -8.16 -17.76 10.53
CA SER B 196 -8.54 -17.25 9.20
C SER B 196 -9.99 -16.73 9.20
N ASN B 197 -10.91 -17.56 9.72
CA ASN B 197 -12.33 -17.17 9.82
C ASN B 197 -12.59 -15.95 10.72
N SER B 198 -11.90 -15.89 11.86
CA SER B 198 -11.86 -14.73 12.74
C SER B 198 -11.43 -13.44 12.03
N ILE B 199 -10.33 -13.51 11.29
CA ILE B 199 -9.85 -12.39 10.50
C ILE B 199 -10.93 -11.95 9.49
N ILE B 200 -11.57 -12.89 8.83
CA ILE B 200 -12.67 -12.56 7.94
C ILE B 200 -13.84 -11.92 8.69
N GLU B 201 -14.33 -12.59 9.74
CA GLU B 201 -15.49 -12.09 10.50
C GLU B 201 -15.29 -10.72 11.15
N ASN B 202 -14.06 -10.39 11.53
CA ASN B 202 -13.79 -9.09 12.14
C ASN B 202 -13.40 -8.01 11.13
N GLY B 203 -13.46 -8.39 9.85
CA GLY B 203 -13.09 -7.48 8.75
C GLY B 203 -14.22 -6.90 7.91
N LYS B 204 -15.46 -6.94 8.41
CA LYS B 204 -16.57 -6.25 7.67
C LYS B 204 -16.29 -4.75 7.46
N ILE B 205 -16.75 -4.18 6.35
CA ILE B 205 -16.55 -2.75 6.10
C ILE B 205 -17.49 -1.87 6.97
N SER B 206 -18.79 -2.08 6.88
CA SER B 206 -19.78 -1.31 7.61
C SER B 206 -21.12 -2.05 7.56
N GLU B 207 -22.08 -1.58 8.31
CA GLU B 207 -23.44 -2.08 8.29
C GLU B 207 -24.09 -1.76 6.95
N GLU B 208 -23.82 -0.57 6.47
CA GLU B 208 -24.41 -0.09 5.20
C GLU B 208 -23.83 -0.90 4.03
N VAL B 209 -22.53 -1.23 4.10
CA VAL B 209 -21.77 -1.95 3.06
C VAL B 209 -21.05 -3.16 3.68
N PRO B 210 -21.78 -4.28 3.87
CA PRO B 210 -21.26 -5.45 4.56
C PRO B 210 -20.32 -6.34 3.71
N LEU B 211 -19.34 -5.71 3.07
CA LEU B 211 -18.32 -6.40 2.30
C LEU B 211 -17.07 -6.48 3.19
N TYR B 212 -15.90 -6.77 2.62
CA TYR B 212 -14.73 -7.05 3.47
C TYR B 212 -13.57 -6.13 3.29
N ARG B 213 -12.83 -5.87 4.38
CA ARG B 213 -11.55 -5.18 4.29
C ARG B 213 -10.62 -5.93 3.35
N LYS B 214 -9.64 -5.22 2.78
CA LYS B 214 -8.69 -5.83 1.84
C LYS B 214 -7.56 -6.65 2.51
N VAL B 215 -6.97 -6.09 3.57
CA VAL B 215 -5.74 -6.59 4.14
C VAL B 215 -5.78 -6.51 5.68
N PHE B 216 -5.09 -7.47 6.30
CA PHE B 216 -4.93 -7.64 7.73
C PHE B 216 -3.43 -7.59 8.00
N TYR B 217 -3.03 -6.78 9.01
CA TYR B 217 -1.63 -6.56 9.32
C TYR B 217 -1.36 -7.41 10.55
N GLU B 218 -0.58 -8.46 10.36
CA GLU B 218 -0.23 -9.37 11.44
C GLU B 218 0.39 -8.67 12.68
N GLU B 219 1.28 -7.72 12.45
CA GLU B 219 2.02 -7.03 13.55
C GLU B 219 1.08 -6.36 14.51
N THR B 220 0.11 -5.62 13.97
CA THR B 220 -0.79 -4.81 14.76
C THR B 220 -2.14 -5.47 15.00
N GLN B 221 -2.46 -6.52 14.23
CA GLN B 221 -3.79 -7.14 14.32
C GLN B 221 -4.90 -6.13 13.95
N LYS B 222 -4.61 -5.26 12.98
CA LYS B 222 -5.55 -4.28 12.47
C LYS B 222 -5.69 -4.44 10.95
N TYR B 223 -6.61 -3.67 10.35
CA TYR B 223 -6.93 -3.77 8.91
C TYR B 223 -6.62 -2.45 8.26
N ASP B 224 -6.66 -2.45 6.92
CA ASP B 224 -6.52 -1.23 6.15
C ASP B 224 -7.65 -0.29 6.57
N GLU B 225 -7.46 1.00 6.37
CA GLU B 225 -8.48 1.96 6.70
C GLU B 225 -8.92 2.69 5.43
N GLU B 226 -8.85 1.99 4.30
CA GLU B 226 -9.19 2.60 3.01
C GLU B 226 -10.66 2.93 2.94
N GLU B 227 -10.96 4.02 2.24
CA GLU B 227 -12.36 4.45 2.12
C GLU B 227 -13.15 3.58 1.13
N ASN B 228 -12.45 3.05 0.11
CA ASN B 228 -13.06 2.19 -0.91
C ASN B 228 -12.92 0.68 -0.62
N VAL B 229 -13.89 -0.10 -1.08
CA VAL B 229 -13.88 -1.55 -0.95
C VAL B 229 -13.45 -2.14 -2.29
N ASP B 230 -12.43 -3.00 -2.29
CA ASP B 230 -12.05 -3.73 -3.50
C ASP B 230 -13.07 -4.83 -3.72
N PHE B 231 -13.95 -4.64 -4.68
CA PHE B 231 -15.12 -5.51 -4.82
C PHE B 231 -14.84 -6.97 -5.26
N LEU B 232 -13.93 -7.17 -6.23
CA LEU B 232 -13.56 -8.55 -6.65
C LEU B 232 -13.07 -9.36 -5.46
N LEU B 233 -12.18 -8.76 -4.70
CA LEU B 233 -11.65 -9.44 -3.52
C LEU B 233 -12.74 -9.80 -2.49
N SER B 234 -13.71 -8.93 -2.28
CA SER B 234 -14.82 -9.29 -1.39
C SER B 234 -15.66 -10.45 -1.94
N THR B 235 -15.80 -10.55 -3.27
CA THR B 235 -16.57 -11.68 -3.80
C THR B 235 -15.80 -13.00 -3.66
N ILE B 236 -14.47 -12.95 -3.69
CA ILE B 236 -13.66 -14.17 -3.44
C ILE B 236 -13.84 -14.63 -1.97
N VAL B 237 -13.86 -13.66 -1.04
CA VAL B 237 -14.02 -13.95 0.38
C VAL B 237 -15.41 -14.51 0.60
N ILE B 238 -16.43 -13.90 -0.01
CA ILE B 238 -17.80 -14.40 0.14
C ILE B 238 -17.93 -15.82 -0.41
N LEU B 239 -17.32 -16.07 -1.57
CA LEU B 239 -17.43 -17.40 -2.18
C LEU B 239 -16.76 -18.44 -1.28
N ASN B 240 -15.59 -18.09 -0.75
CA ASN B 240 -14.85 -18.98 0.16
C ASN B 240 -15.65 -19.27 1.42
N ARG B 241 -16.27 -18.22 1.96
CA ARG B 241 -17.08 -18.39 3.15
C ARG B 241 -18.26 -19.32 2.94
N ILE B 242 -19.08 -19.08 1.93
CA ILE B 242 -20.28 -19.93 1.78
C ILE B 242 -19.96 -21.37 1.39
N GLU B 243 -18.86 -21.57 0.64
CA GLU B 243 -18.38 -22.89 0.27
C GLU B 243 -17.86 -23.69 1.46
N ALA B 244 -17.38 -22.99 2.49
CA ALA B 244 -16.98 -23.60 3.75
C ALA B 244 -18.15 -23.73 4.75
N GLY B 245 -19.37 -23.39 4.31
CA GLY B 245 -20.55 -23.42 5.16
C GLY B 245 -20.80 -22.21 6.07
N GLU B 246 -20.07 -21.12 5.90
CA GLU B 246 -20.27 -19.93 6.73
C GLU B 246 -21.37 -19.01 6.16
N ASN B 247 -21.78 -18.02 6.96
CA ASN B 247 -22.93 -17.15 6.65
C ASN B 247 -22.55 -15.87 5.90
N GLU B 248 -23.19 -15.66 4.77
CA GLU B 248 -23.01 -14.44 4.00
C GLU B 248 -24.34 -13.85 3.53
N GLU B 249 -25.38 -13.98 4.32
CA GLU B 249 -26.67 -13.53 3.91
C GLU B 249 -26.74 -12.05 3.64
N SER B 250 -26.16 -11.22 4.47
CA SER B 250 -26.24 -9.79 4.24
C SER B 250 -25.36 -9.29 3.08
N SER B 251 -24.21 -9.93 2.88
CA SER B 251 -23.32 -9.48 1.81
C SER B 251 -23.94 -9.82 0.44
N ILE B 252 -24.56 -10.99 0.37
CA ILE B 252 -25.22 -11.46 -0.84
CA ILE B 252 -25.18 -11.41 -0.86
C ILE B 252 -26.43 -10.57 -1.15
N LYS B 253 -27.26 -10.28 -0.14
CA LYS B 253 -28.38 -9.36 -0.35
C LYS B 253 -27.87 -8.03 -0.91
N TRP B 254 -26.83 -7.47 -0.29
CA TRP B 254 -26.25 -6.23 -0.76
C TRP B 254 -25.88 -6.32 -2.26
N ILE B 255 -25.25 -7.43 -2.62
CA ILE B 255 -24.77 -7.56 -4.00
C ILE B 255 -25.98 -7.65 -4.95
N LYS B 256 -26.93 -8.48 -4.60
CA LYS B 256 -28.15 -8.60 -5.41
C LYS B 256 -28.82 -7.23 -5.63
N GLU B 257 -29.01 -6.49 -4.55
CA GLU B 257 -29.64 -5.20 -4.60
C GLU B 257 -28.86 -4.20 -5.43
N LYS B 258 -27.54 -4.24 -5.29
CA LYS B 258 -26.69 -3.29 -6.02
C LYS B 258 -26.72 -3.58 -7.54
N PHE B 259 -26.57 -4.86 -7.88
CA PHE B 259 -26.61 -5.36 -9.26
C PHE B 259 -27.96 -4.97 -9.90
N LYS B 260 -29.06 -5.16 -9.17
CA LYS B 260 -30.35 -4.74 -9.61
C LYS B 260 -30.51 -3.22 -9.83
N LYS B 261 -30.08 -2.37 -8.92
CA LYS B 261 -30.29 -0.94 -9.13
C LYS B 261 -29.41 -0.39 -10.27
N ASP B 262 -28.12 -0.75 -10.23
CA ASP B 262 -27.15 -0.22 -11.18
C ASP B 262 -27.24 -0.84 -12.56
N GLY B 263 -27.55 -2.14 -12.61
CA GLY B 263 -27.49 -2.89 -13.86
C GLY B 263 -26.08 -3.35 -14.19
N PHE B 264 -25.13 -3.10 -13.27
CA PHE B 264 -23.77 -3.55 -13.47
C PHE B 264 -23.05 -3.60 -12.13
N LEU B 265 -21.82 -4.13 -12.14
CA LEU B 265 -20.99 -4.17 -10.91
C LEU B 265 -19.60 -3.74 -11.29
N VAL B 266 -18.97 -2.93 -10.45
CA VAL B 266 -17.67 -2.39 -10.78
C VAL B 266 -16.65 -2.83 -9.74
N ALA B 267 -15.41 -2.38 -9.91
CA ALA B 267 -14.28 -2.91 -9.13
C ALA B 267 -14.19 -2.38 -7.69
N THR B 268 -14.75 -1.21 -7.39
CA THR B 268 -14.65 -0.63 -6.03
C THR B 268 -15.94 0.12 -5.70
N TYR B 269 -16.28 0.13 -4.41
CA TYR B 269 -17.40 0.88 -3.84
C TYR B 269 -16.98 1.69 -2.61
N ASN B 270 -17.62 2.83 -2.40
CA ASN B 270 -17.38 3.59 -1.19
C ASN B 270 -17.94 2.81 0.02
N GLY B 271 -17.11 2.65 1.05
CA GLY B 271 -17.48 1.81 2.20
C GLY B 271 -18.47 2.42 3.20
N LYS B 272 -18.74 3.72 3.08
CA LYS B 272 -19.73 4.36 3.95
C LYS B 272 -21.11 4.39 3.29
N ASN B 273 -21.19 4.79 2.02
CA ASN B 273 -22.51 4.90 1.36
C ASN B 273 -22.82 3.90 0.26
N GLY B 274 -21.82 3.11 -0.16
CA GLY B 274 -22.04 2.09 -1.18
C GLY B 274 -22.02 2.52 -2.63
N ASP B 275 -21.68 3.79 -2.91
CA ASP B 275 -21.67 4.29 -4.28
C ASP B 275 -20.57 3.60 -5.09
N ALA B 276 -20.86 3.30 -6.36
CA ALA B 276 -19.84 2.82 -7.29
C ALA B 276 -18.71 3.84 -7.42
N THR B 277 -17.47 3.38 -7.32
CA THR B 277 -16.37 4.33 -7.35
C THR B 277 -15.28 3.98 -8.32
N SER B 278 -15.59 3.12 -9.28
CA SER B 278 -14.60 2.71 -10.28
C SER B 278 -15.34 2.51 -11.57
N GLN B 279 -14.69 2.83 -12.68
CA GLN B 279 -15.18 2.51 -14.02
C GLN B 279 -14.74 1.12 -14.55
N ILE B 280 -14.10 0.32 -13.70
CA ILE B 280 -13.63 -0.99 -14.15
C ILE B 280 -14.70 -2.05 -13.88
N GLU B 281 -15.12 -2.71 -14.94
CA GLU B 281 -16.01 -3.86 -14.84
C GLU B 281 -15.14 -5.05 -15.17
N SER B 282 -15.53 -6.23 -14.76
CA SER B 282 -14.58 -7.34 -14.88
C SER B 282 -15.28 -8.65 -15.09
N PRO B 283 -14.81 -9.47 -16.07
CA PRO B 283 -15.42 -10.81 -16.10
C PRO B 283 -15.21 -11.62 -14.82
N SER B 284 -14.17 -11.28 -14.06
CA SER B 284 -13.86 -12.04 -12.84
C SER B 284 -14.90 -11.77 -11.74
N ILE B 285 -15.35 -10.52 -11.69
CA ILE B 285 -16.41 -10.10 -10.74
C ILE B 285 -17.72 -10.82 -11.08
N TYR B 286 -18.13 -10.75 -12.35
CA TYR B 286 -19.36 -11.45 -12.79
C TYR B 286 -19.27 -12.96 -12.64
N SER B 287 -18.11 -13.56 -12.91
CA SER B 287 -17.90 -15.02 -12.72
C SER B 287 -18.07 -15.41 -11.28
N ASN B 288 -17.49 -14.61 -10.38
CA ASN B 288 -17.64 -14.88 -8.95
C ASN B 288 -19.09 -14.79 -8.49
N VAL B 289 -19.81 -13.77 -8.96
CA VAL B 289 -21.20 -13.58 -8.56
C VAL B 289 -21.98 -14.78 -9.10
N ALA B 290 -21.67 -15.19 -10.34
CA ALA B 290 -22.27 -16.42 -10.89
C ALA B 290 -22.03 -17.67 -10.01
N LEU B 291 -20.82 -17.83 -9.49
CA LEU B 291 -20.48 -19.03 -8.67
C LEU B 291 -21.16 -18.97 -7.28
N ILE B 292 -21.27 -17.77 -6.72
CA ILE B 292 -22.01 -17.52 -5.48
CA ILE B 292 -21.98 -17.55 -5.46
C ILE B 292 -23.46 -17.93 -5.69
N ALA B 293 -24.04 -17.39 -6.76
CA ALA B 293 -25.46 -17.64 -7.09
C ALA B 293 -25.72 -19.10 -7.34
N ASN B 294 -24.84 -19.76 -8.09
CA ASN B 294 -24.95 -21.21 -8.29
C ASN B 294 -24.92 -21.95 -6.96
N TYR B 295 -23.98 -21.55 -6.10
CA TYR B 295 -23.84 -22.22 -4.82
C TYR B 295 -25.08 -22.14 -3.94
N ILE B 296 -25.72 -20.98 -3.87
CA ILE B 296 -26.86 -20.76 -2.97
C ILE B 296 -28.17 -21.09 -3.70
N GLY B 297 -28.12 -21.44 -4.98
CA GLY B 297 -29.34 -21.74 -5.75
C GLY B 297 -30.16 -20.53 -6.16
N ASP B 298 -29.54 -19.35 -6.29
CA ASP B 298 -30.25 -18.17 -6.80
C ASP B 298 -30.25 -18.06 -8.33
N LYS B 299 -31.33 -18.53 -8.97
CA LYS B 299 -31.38 -18.62 -10.44
C LYS B 299 -31.37 -17.23 -11.10
N GLU B 300 -32.07 -16.28 -10.52
CA GLU B 300 -32.19 -14.92 -11.06
C GLU B 300 -30.83 -14.23 -11.04
N LEU B 301 -30.14 -14.39 -9.92
CA LEU B 301 -28.81 -13.82 -9.80
C LEU B 301 -27.83 -14.55 -10.73
N PHE B 302 -27.93 -15.87 -10.79
CA PHE B 302 -27.04 -16.63 -11.66
C PHE B 302 -27.20 -16.24 -13.13
N ASN B 303 -28.43 -16.23 -13.63
CA ASN B 303 -28.66 -15.76 -15.04
C ASN B 303 -28.25 -14.33 -15.31
N LYS B 304 -28.40 -13.46 -14.31
CA LYS B 304 -28.00 -12.09 -14.52
C LYS B 304 -26.45 -11.96 -14.65
N ALA B 305 -25.73 -12.71 -13.84
CA ALA B 305 -24.28 -12.71 -13.89
C ALA B 305 -23.79 -13.35 -15.20
N ILE B 306 -24.38 -14.50 -15.55
CA ILE B 306 -24.07 -15.24 -16.77
C ILE B 306 -24.34 -14.43 -18.06
N ASP B 307 -25.41 -13.62 -18.04
CA ASP B 307 -25.78 -12.82 -19.20
C ASP B 307 -24.71 -11.79 -19.46
N LYS B 308 -24.10 -11.28 -18.37
CA LYS B 308 -23.01 -10.35 -18.55
C LYS B 308 -21.83 -11.02 -19.25
N LEU B 309 -21.51 -12.25 -18.87
CA LEU B 309 -20.38 -13.00 -19.47
C LEU B 309 -20.67 -13.35 -20.94
N LYS B 310 -21.85 -13.87 -21.26
CA LYS B 310 -22.23 -14.08 -22.66
C LYS B 310 -22.12 -12.82 -23.49
N TYR B 311 -22.34 -11.66 -22.86
CA TYR B 311 -22.39 -10.40 -23.55
C TYR B 311 -21.01 -9.90 -23.93
N TYR B 312 -20.08 -9.99 -22.97
CA TYR B 312 -18.69 -9.58 -23.18
C TYR B 312 -17.76 -10.58 -23.83
N GLN B 313 -18.14 -11.86 -23.82
CA GLN B 313 -17.41 -12.89 -24.56
C GLN B 313 -17.36 -12.51 -26.03
N ILE B 314 -16.17 -12.61 -26.62
CA ILE B 314 -15.98 -12.13 -27.97
C ILE B 314 -16.70 -13.03 -28.97
N LYS B 315 -17.67 -12.46 -29.65
CA LYS B 315 -18.48 -13.20 -30.59
C LYS B 315 -18.12 -12.97 -32.06
N ASN B 316 -17.19 -12.07 -32.30
CA ASN B 316 -16.74 -11.70 -33.63
C ASN B 316 -15.85 -12.80 -34.21
N LYS B 317 -16.38 -13.55 -35.18
CA LYS B 317 -15.62 -14.66 -35.78
C LYS B 317 -14.44 -14.20 -36.64
N ASP B 318 -14.36 -12.90 -36.94
CA ASP B 318 -13.19 -12.34 -37.63
C ASP B 318 -12.10 -11.91 -36.66
N SER B 319 -12.33 -12.11 -35.36
CA SER B 319 -11.32 -11.80 -34.36
C SER B 319 -10.55 -13.04 -33.98
N VAL B 320 -9.27 -12.91 -33.87
CA VAL B 320 -8.46 -13.96 -33.40
C VAL B 320 -8.90 -14.33 -31.94
N LEU B 321 -9.50 -13.39 -31.25
CA LEU B 321 -9.92 -13.63 -29.87
C LEU B 321 -11.29 -14.29 -29.73
N TYR B 322 -11.86 -14.74 -30.86
CA TYR B 322 -13.19 -15.36 -30.81
C TYR B 322 -13.35 -16.40 -29.73
N GLY B 323 -14.40 -16.20 -28.93
CA GLY B 323 -14.71 -17.06 -27.82
C GLY B 323 -14.08 -16.65 -26.48
N GLY B 324 -13.13 -15.70 -26.52
CA GLY B 324 -12.43 -15.22 -25.34
C GLY B 324 -12.97 -13.91 -24.76
N PHE B 325 -12.32 -13.46 -23.69
CA PHE B 325 -12.61 -12.16 -23.08
C PHE B 325 -11.35 -11.33 -23.17
N GLY B 326 -11.52 -10.08 -23.59
CA GLY B 326 -10.40 -9.18 -23.75
C GLY B 326 -10.81 -8.01 -24.59
N ASP B 327 -9.84 -7.21 -25.00
CA ASP B 327 -10.10 -6.01 -25.76
C ASP B 327 -9.78 -6.40 -27.19
N GLU B 328 -10.83 -6.45 -28.00
CA GLU B 328 -10.80 -6.96 -29.38
C GLU B 328 -9.98 -6.09 -30.31
N LYS B 329 -9.88 -4.81 -29.94
CA LYS B 329 -9.10 -3.83 -30.69
C LYS B 329 -7.60 -3.98 -30.44
N THR B 330 -7.21 -4.16 -29.17
CA THR B 330 -5.79 -4.16 -28.78
C THR B 330 -5.22 -5.56 -28.57
N ASN B 331 -6.10 -6.56 -28.49
CA ASN B 331 -5.70 -7.97 -28.23
C ASN B 331 -5.06 -8.15 -26.84
N SER B 332 -5.32 -7.25 -25.91
CA SER B 332 -4.95 -7.51 -24.54
C SER B 332 -5.99 -8.42 -23.92
N VAL B 333 -5.49 -9.44 -23.23
CA VAL B 333 -6.27 -10.55 -22.71
C VAL B 333 -5.62 -10.89 -21.37
N TYR B 334 -6.41 -11.18 -20.38
CA TYR B 334 -5.90 -11.65 -19.13
C TYR B 334 -6.34 -13.08 -18.88
N SER B 335 -5.37 -13.92 -18.63
CA SER B 335 -5.64 -15.30 -18.27
C SER B 335 -6.69 -15.44 -17.16
N PHE B 336 -6.55 -14.65 -16.09
CA PHE B 336 -7.36 -14.76 -14.87
C PHE B 336 -8.85 -14.61 -15.20
N ASP B 337 -9.17 -13.62 -16.02
CA ASP B 337 -10.55 -13.34 -16.42
C ASP B 337 -11.13 -14.50 -17.22
N ASN B 338 -10.32 -15.06 -18.11
CA ASN B 338 -10.80 -16.10 -19.03
C ASN B 338 -11.03 -17.40 -18.28
N LEU B 339 -10.11 -17.71 -17.38
CA LEU B 339 -10.22 -18.90 -16.55
C LEU B 339 -11.35 -18.77 -15.57
N ASN B 340 -11.54 -17.59 -14.96
CA ASN B 340 -12.69 -17.46 -14.04
C ASN B 340 -14.02 -17.60 -14.82
N ALA B 341 -14.10 -17.03 -16.02
CA ALA B 341 -15.33 -17.12 -16.82
C ALA B 341 -15.55 -18.57 -17.22
N LEU B 342 -14.44 -19.31 -17.41
CA LEU B 342 -14.53 -20.75 -17.76
C LEU B 342 -15.17 -21.54 -16.61
N LEU B 343 -14.73 -21.27 -15.38
CA LEU B 343 -15.35 -21.90 -14.23
C LEU B 343 -16.82 -21.47 -14.04
N ALA B 344 -17.17 -20.23 -14.40
CA ALA B 344 -18.61 -19.82 -14.34
C ALA B 344 -19.46 -20.55 -15.39
N PHE B 345 -19.03 -20.51 -16.64
CA PHE B 345 -19.71 -21.26 -17.69
C PHE B 345 -19.82 -22.74 -17.41
N GLN B 346 -18.79 -23.31 -16.77
CA GLN B 346 -18.86 -24.71 -16.35
C GLN B 346 -20.15 -25.04 -15.53
N LYS B 347 -20.72 -24.05 -14.86
CA LYS B 347 -21.88 -24.30 -14.02
C LYS B 347 -23.19 -24.08 -14.79
N TYR B 348 -23.07 -23.60 -16.01
CA TYR B 348 -24.21 -23.16 -16.80
C TYR B 348 -24.68 -24.34 -17.61
N LYS B 349 -25.77 -24.92 -17.15
CA LYS B 349 -26.41 -25.99 -17.83
C LYS B 349 -27.71 -25.54 -18.45
#